data_2PI4
#
_entry.id   2PI4
#
_cell.length_a   224.450
_cell.length_b   73.791
_cell.length_c   80.315
_cell.angle_alpha   90.00
_cell.angle_beta   90.00
_cell.angle_gamma   90.00
#
_symmetry.space_group_name_H-M   'P 21 21 2'
#
loop_
_entity.id
_entity.type
_entity.pdbx_description
1 polymer "5'-D(*CP*TP*TP*CP*CP*TP*AP*TP*AP*GP*TP*GP*AP*GP*TP*CP*GP*TP*AP*TP*TP*A)-3'"
2 polymer "5'-D(*TP*AP*AP*TP*AP*CP*GP*AP*CP*TP*CP*AP*CP*T)-3'"
3 polymer 'DNA-directed RNA polymerase'
4 non-polymer 'MAGNESIUM ION'
5 non-polymer "3'-DEOXY-GUANOSINE-5'-TRIPHOSPHATE"
6 water water
#
loop_
_entity_poly.entity_id
_entity_poly.type
_entity_poly.pdbx_seq_one_letter_code
_entity_poly.pdbx_strand_id
1 'polydeoxyribonucleotide'
;(DC)(DT)(DT)(DC)(DC)(DT)(DA)(DT)(DA)(DG)(DT)(DG)(DA)(DG)(DT)(DC)(DG)(DT)(DA)(DT)
(DT)(DA)
;
T
2 'polydeoxyribonucleotide' (DT)(DA)(DA)(DT)(DA)(DC)(DG)(DA)(DC)(DT)(DC)(DA)(DC)(DT) P
3 'polypeptide(L)'
;IAKNDFSDIELAAIPFNTLADHYGERLAREQLALEHESYEMGEARFRKMFERQLKAGEVADNAAAKPLITTLLPKMIARI
NDWFEEVKAKRGKRPTAFQFLQEIKPEAVAYITIKTTLACLTSADNTTVQAVASAIGRAIEDEARFGRIRDLEAKHFKKN
VEEQLNKRVGHVYKKAFMQVVEADMLSKGLLGGEAWSSWHKEDSIHVGVRCIEMLIESTGMVSLHRQNAGVVGQDSETIE
LAPEYAEAIATRAGALAGISPMFQPCVVPPKPWTGITGGGYWANGRRPLALVRTHSKKALMRYEDVYMPEVYKAINIAQN
TAWKINKKVLAVANVITKWKHCPVEDIPAIEREELPMKPEDIDMNPEALTAWKRAAAAVYRKDKARKSRRISLEFMLEQA
NKFANHKAIWFPYNMDWRGRVYAVSMFNPQGNDMTKGLLTLAKGKPIGKEGYYWLKIHGANCAGVDKVPFPERIKFIEEN
HENIMACAKSPLENTWWAEQDSPFCFLAFCFEYAGVQHHGLSYNCSLPLAFDGSCSGIQHFSAMLRDEVGGRAVNLLPSE
TVQDIYGIVAKKVNEILQADAINGTDNEVVTVTDENTGEISEKVKLGTKALAGQWLAYGVTRSVTKRSVMTLAYGSKEFG
FRQQVLEDTIQPAIDSGKGLMFTQPNQAAGYMAKLIWESVSVTVVAAVEAMNWLKSAAKLLAAEVKDKKTGEILRKRCAV
HWVTPDGFPVWQEYKKPIQTRLNLMFLGQFRLQPTINTNKDSEIDAHKQESGIAPNFVHSQDGSHLRKTVVWAHEKYGIE
SFALIHDSFGTIPADAANLFKAVRETMVDTYESCDVLADFYDQFADQLHESQLDKMPALPAKGNLNLRDILESDFAFA
;
A
#
# COMPACT_ATOMS: atom_id res chain seq x y z
N ILE C 1 -19.62 18.90 -17.62
CA ILE C 1 -18.77 17.69 -17.79
C ILE C 1 -18.05 17.66 -19.15
N ALA C 2 -17.11 16.74 -19.29
CA ALA C 2 -16.35 16.59 -20.53
C ALA C 2 -17.32 16.44 -21.70
N LYS C 3 -17.86 15.24 -21.83
CA LYS C 3 -18.81 14.94 -22.90
C LYS C 3 -20.03 15.86 -22.78
N ASN C 4 -20.99 15.69 -23.68
CA ASN C 4 -22.21 16.48 -23.67
C ASN C 4 -21.91 17.94 -23.96
N ASP C 5 -20.65 18.33 -23.84
CA ASP C 5 -20.25 19.70 -24.08
C ASP C 5 -19.65 19.91 -25.45
N PHE C 6 -18.65 19.10 -25.81
CA PHE C 6 -18.04 19.26 -27.12
C PHE C 6 -17.89 17.92 -27.80
N SER C 7 -17.83 17.91 -29.12
CA SER C 7 -17.66 16.65 -29.86
C SER C 7 -16.25 16.13 -29.67
N ASP C 8 -16.14 14.83 -29.52
CA ASP C 8 -14.84 14.20 -29.31
C ASP C 8 -13.72 14.66 -30.23
N ILE C 9 -14.10 15.27 -31.36
CA ILE C 9 -13.11 15.75 -32.32
C ILE C 9 -12.08 16.70 -31.71
N GLU C 10 -12.51 17.41 -30.67
CA GLU C 10 -11.66 18.39 -30.00
C GLU C 10 -11.36 18.08 -28.52
N LEU C 11 -12.14 17.18 -27.93
CA LEU C 11 -11.93 16.82 -26.53
C LEU C 11 -10.51 16.37 -26.29
N ALA C 12 -9.85 16.00 -27.39
CA ALA C 12 -8.47 15.54 -27.35
C ALA C 12 -7.54 16.63 -27.80
N ALA C 13 -8.10 17.79 -28.04
CA ALA C 13 -7.29 18.90 -28.49
C ALA C 13 -6.98 19.79 -27.30
N ILE C 14 -8.03 20.14 -26.56
CA ILE C 14 -7.93 21.03 -25.41
C ILE C 14 -6.76 20.66 -24.49
N PRO C 15 -6.68 19.39 -24.07
CA PRO C 15 -5.59 18.95 -23.20
C PRO C 15 -4.23 19.31 -23.73
N PHE C 16 -3.98 19.00 -24.99
CA PHE C 16 -2.69 19.29 -25.60
C PHE C 16 -2.39 20.77 -25.76
N ASN C 17 -3.38 21.50 -26.25
CA ASN C 17 -3.24 22.93 -26.43
C ASN C 17 -2.90 23.57 -25.09
N THR C 18 -3.67 23.24 -24.07
CA THR C 18 -3.44 23.79 -22.77
C THR C 18 -2.10 23.34 -22.22
N LEU C 19 -1.77 22.08 -22.41
CA LEU C 19 -0.51 21.57 -21.91
C LEU C 19 0.67 22.32 -22.52
N ALA C 20 0.79 22.23 -23.83
CA ALA C 20 1.87 22.88 -24.53
C ALA C 20 1.97 24.31 -24.08
N ASP C 21 0.82 24.92 -23.82
CA ASP C 21 0.75 26.33 -23.39
C ASP C 21 1.74 26.62 -22.26
N HIS C 22 1.46 26.12 -21.06
CA HIS C 22 2.35 26.36 -19.93
C HIS C 22 3.52 25.43 -20.07
N TYR C 23 4.43 25.51 -19.12
CA TYR C 23 5.59 24.63 -19.12
C TYR C 23 6.36 24.71 -20.45
N GLY C 24 6.08 23.73 -21.32
CA GLY C 24 6.72 23.69 -22.61
C GLY C 24 5.91 23.00 -23.68
N GLU C 25 6.61 22.45 -24.65
CA GLU C 25 6.00 21.75 -25.76
C GLU C 25 6.63 20.36 -25.91
N ARG C 26 7.96 20.32 -25.95
CA ARG C 26 8.66 19.06 -26.07
C ARG C 26 8.18 18.11 -24.96
N LEU C 27 8.14 18.66 -23.74
CA LEU C 27 7.69 17.92 -22.56
C LEU C 27 6.19 17.68 -22.61
N ALA C 28 5.46 18.58 -23.28
CA ALA C 28 4.03 18.43 -23.39
C ALA C 28 3.70 17.16 -24.14
N ARG C 29 4.37 16.94 -25.27
CA ARG C 29 4.09 15.75 -26.07
C ARG C 29 4.42 14.47 -25.29
N GLU C 30 5.66 14.34 -24.83
CA GLU C 30 6.08 13.16 -24.09
C GLU C 30 5.08 12.78 -22.99
N GLN C 31 4.38 13.77 -22.47
CA GLN C 31 3.39 13.56 -21.41
C GLN C 31 2.25 12.65 -21.84
N LEU C 32 1.29 13.19 -22.57
CA LEU C 32 0.14 12.41 -23.05
C LEU C 32 0.59 11.13 -23.77
N ALA C 33 1.83 11.14 -24.26
CA ALA C 33 2.37 9.98 -24.93
C ALA C 33 2.62 8.97 -23.85
N LEU C 34 3.23 9.45 -22.78
CA LEU C 34 3.52 8.60 -21.65
C LEU C 34 2.19 8.08 -21.14
N GLU C 35 1.31 8.99 -20.75
CA GLU C 35 0.02 8.54 -20.26
C GLU C 35 -0.48 7.45 -21.20
N HIS C 36 -0.38 7.70 -22.50
CA HIS C 36 -0.81 6.71 -23.47
C HIS C 36 -0.08 5.42 -23.32
N GLU C 37 1.18 5.50 -22.94
CA GLU C 37 1.99 4.32 -22.78
C GLU C 37 1.29 3.25 -21.98
N SER C 38 0.23 3.64 -21.27
CA SER C 38 -0.54 2.70 -20.45
C SER C 38 -1.80 2.23 -21.13
N TYR C 39 -1.74 2.08 -22.45
CA TYR C 39 -2.88 1.59 -23.20
C TYR C 39 -2.45 0.83 -24.45
N GLU C 40 -1.49 1.38 -25.18
CA GLU C 40 -0.99 0.75 -26.39
C GLU C 40 0.50 1.02 -26.63
N MET C 41 1.15 0.05 -27.25
CA MET C 41 2.57 0.14 -27.55
C MET C 41 2.87 1.07 -28.73
N GLY C 42 3.78 2.01 -28.48
CA GLY C 42 4.17 2.98 -29.50
C GLY C 42 4.78 2.34 -30.72
N GLU C 43 4.11 2.54 -31.85
CA GLU C 43 4.57 1.99 -33.13
C GLU C 43 6.04 2.33 -33.32
N ALA C 44 6.39 3.53 -32.91
CA ALA C 44 7.76 4.00 -33.04
C ALA C 44 8.57 3.47 -31.89
N ARG C 45 8.03 3.66 -30.69
CA ARG C 45 8.68 3.20 -29.48
C ARG C 45 9.23 1.79 -29.64
N PHE C 46 8.43 0.94 -30.28
CA PHE C 46 8.77 -0.46 -30.51
C PHE C 46 9.97 -0.58 -31.43
N ARG C 47 9.86 -0.03 -32.64
CA ARG C 47 10.94 -0.11 -33.59
C ARG C 47 12.25 0.48 -33.05
N LYS C 48 12.18 1.11 -31.88
CA LYS C 48 13.34 1.74 -31.22
C LYS C 48 14.16 0.75 -30.41
N MET C 49 13.51 -0.31 -29.99
CA MET C 49 14.15 -1.31 -29.19
C MET C 49 14.99 -2.25 -30.04
N PHE C 50 15.79 -1.68 -30.95
CA PHE C 50 16.65 -2.48 -31.81
C PHE C 50 18.00 -1.79 -32.09
N PRO C 67 15.28 -6.19 -24.46
CA PRO C 67 14.72 -7.11 -25.44
C PRO C 67 13.86 -8.17 -24.78
N LEU C 68 12.52 -8.00 -24.75
CA LEU C 68 11.68 -9.04 -24.17
C LEU C 68 10.24 -8.89 -24.59
N ILE C 69 9.65 -7.77 -24.24
CA ILE C 69 8.28 -7.49 -24.62
C ILE C 69 8.16 -7.71 -26.11
N THR C 70 9.25 -7.37 -26.79
CA THR C 70 9.37 -7.48 -28.23
C THR C 70 8.85 -8.81 -28.77
N THR C 71 9.19 -9.88 -28.09
CA THR C 71 8.77 -11.22 -28.49
C THR C 71 7.34 -11.49 -28.08
N LEU C 72 7.00 -11.33 -26.81
CA LEU C 72 5.64 -11.62 -26.40
C LEU C 72 4.59 -10.82 -27.12
N LEU C 73 4.72 -9.50 -27.06
CA LEU C 73 3.76 -8.59 -27.66
C LEU C 73 3.12 -8.99 -28.99
N PRO C 74 3.91 -9.16 -30.05
CA PRO C 74 3.37 -9.54 -31.36
C PRO C 74 2.64 -10.87 -31.33
N LYS C 75 3.33 -11.94 -30.97
CA LYS C 75 2.69 -13.24 -30.95
C LYS C 75 1.28 -13.10 -30.44
N MET C 76 1.09 -12.27 -29.43
CA MET C 76 -0.22 -12.08 -28.87
C MET C 76 -1.16 -11.33 -29.80
N ILE C 77 -0.65 -10.22 -30.31
CA ILE C 77 -1.40 -9.35 -31.19
C ILE C 77 -2.05 -10.15 -32.27
N ALA C 78 -1.24 -10.94 -32.94
CA ALA C 78 -1.73 -11.77 -34.01
C ALA C 78 -2.88 -12.62 -33.47
N ARG C 79 -2.55 -13.52 -32.57
CA ARG C 79 -3.53 -14.41 -32.00
C ARG C 79 -4.86 -13.71 -31.73
N ILE C 80 -4.81 -12.47 -31.24
CA ILE C 80 -6.04 -11.73 -30.97
C ILE C 80 -6.98 -11.73 -32.19
N ASN C 81 -6.62 -10.98 -33.22
CA ASN C 81 -7.44 -10.92 -34.43
C ASN C 81 -7.55 -12.31 -35.05
N ASP C 82 -6.51 -13.13 -34.93
CA ASP C 82 -6.53 -14.49 -35.47
C ASP C 82 -7.66 -15.27 -34.81
N TRP C 83 -7.93 -14.96 -33.56
CA TRP C 83 -8.98 -15.64 -32.83
C TRP C 83 -10.31 -15.10 -33.33
N PHE C 84 -10.31 -13.83 -33.70
CA PHE C 84 -11.54 -13.25 -34.19
C PHE C 84 -12.04 -14.01 -35.41
N GLU C 85 -11.15 -14.65 -36.11
CA GLU C 85 -11.58 -15.36 -37.29
C GLU C 85 -12.29 -16.61 -36.83
N GLU C 86 -11.53 -17.49 -36.20
CA GLU C 86 -12.04 -18.76 -35.68
C GLU C 86 -13.45 -18.61 -35.16
N VAL C 87 -13.75 -17.43 -34.65
CA VAL C 87 -15.05 -17.18 -34.11
C VAL C 87 -16.00 -16.70 -35.19
N LYS C 88 -15.50 -15.84 -36.08
CA LYS C 88 -16.31 -15.29 -37.16
C LYS C 88 -16.77 -16.38 -38.13
N ALA C 89 -15.88 -17.32 -38.41
CA ALA C 89 -16.14 -18.43 -39.31
C ALA C 89 -17.15 -19.39 -38.70
N LYS C 90 -17.02 -19.67 -37.41
CA LYS C 90 -17.93 -20.58 -36.75
C LYS C 90 -19.33 -19.98 -36.70
N ARG C 91 -20.32 -20.85 -36.71
CA ARG C 91 -21.70 -20.43 -36.65
C ARG C 91 -22.03 -20.50 -35.18
N GLY C 92 -23.32 -20.66 -34.91
CA GLY C 92 -23.78 -20.76 -33.54
C GLY C 92 -23.45 -19.53 -32.72
N LYS C 93 -23.61 -19.65 -31.40
CA LYS C 93 -23.34 -18.54 -30.52
C LYS C 93 -21.84 -18.23 -30.46
N ARG C 94 -21.55 -16.96 -30.18
CA ARG C 94 -20.21 -16.42 -30.09
C ARG C 94 -19.80 -16.15 -28.63
N PRO C 95 -18.55 -16.50 -28.26
CA PRO C 95 -18.09 -16.27 -26.89
C PRO C 95 -18.31 -14.83 -26.47
N THR C 96 -19.11 -14.68 -25.42
CA THR C 96 -19.47 -13.36 -24.91
C THR C 96 -18.31 -12.39 -24.94
N ALA C 97 -17.19 -12.82 -24.38
CA ALA C 97 -15.99 -11.99 -24.37
C ALA C 97 -15.86 -11.30 -25.72
N PHE C 98 -15.97 -12.08 -26.77
CA PHE C 98 -15.84 -11.51 -28.10
C PHE C 98 -16.73 -10.30 -28.24
N GLN C 99 -18.02 -10.52 -28.04
CA GLN C 99 -19.01 -9.46 -28.17
C GLN C 99 -18.46 -8.03 -27.93
N PHE C 100 -17.55 -7.84 -27.00
CA PHE C 100 -17.00 -6.49 -26.78
C PHE C 100 -15.50 -6.46 -26.93
N LEU C 101 -14.93 -7.47 -27.55
CA LEU C 101 -13.50 -7.50 -27.74
C LEU C 101 -13.11 -7.06 -29.14
N GLN C 102 -14.04 -7.23 -30.08
CA GLN C 102 -13.81 -6.87 -31.47
C GLN C 102 -13.57 -5.38 -31.73
N GLU C 103 -14.54 -4.56 -31.38
CA GLU C 103 -14.47 -3.11 -31.55
C GLU C 103 -13.29 -2.50 -30.77
N ILE C 104 -12.22 -3.27 -30.55
CA ILE C 104 -11.08 -2.75 -29.80
C ILE C 104 -9.76 -3.10 -30.47
N LYS C 105 -8.95 -2.09 -30.81
CA LYS C 105 -7.66 -2.33 -31.48
C LYS C 105 -6.84 -3.44 -30.76
N PRO C 106 -6.52 -4.52 -31.48
CA PRO C 106 -5.75 -5.60 -30.88
C PRO C 106 -4.37 -5.17 -30.46
N GLU C 107 -3.73 -4.29 -31.22
CA GLU C 107 -2.39 -3.86 -30.82
C GLU C 107 -2.40 -3.40 -29.37
N ALA C 108 -3.58 -3.09 -28.86
CA ALA C 108 -3.68 -2.62 -27.50
C ALA C 108 -4.08 -3.77 -26.60
N VAL C 109 -5.07 -4.49 -27.10
CA VAL C 109 -5.60 -5.61 -26.37
C VAL C 109 -4.50 -6.53 -25.92
N ALA C 110 -3.55 -6.82 -26.78
CA ALA C 110 -2.41 -7.69 -26.38
C ALA C 110 -1.56 -7.03 -25.28
N TYR C 111 -1.03 -5.85 -25.60
CA TYR C 111 -0.15 -5.05 -24.73
C TYR C 111 -0.64 -4.86 -23.35
N ILE C 112 -1.91 -4.47 -23.29
CA ILE C 112 -2.51 -4.28 -22.03
C ILE C 112 -2.09 -5.51 -21.28
N THR C 113 -2.79 -6.60 -21.64
CA THR C 113 -2.65 -7.92 -21.02
C THR C 113 -1.25 -8.18 -20.42
N ILE C 114 -0.25 -8.49 -21.26
CA ILE C 114 1.16 -8.77 -20.82
C ILE C 114 1.47 -8.02 -19.53
N LYS C 115 1.57 -6.71 -19.70
CA LYS C 115 1.79 -5.78 -18.60
C LYS C 115 0.83 -6.00 -17.48
N THR C 116 -0.46 -5.77 -17.79
CA THR C 116 -1.46 -5.94 -16.75
C THR C 116 -1.27 -7.33 -16.21
N THR C 117 -1.02 -8.31 -17.05
CA THR C 117 -0.80 -9.57 -16.36
C THR C 117 0.47 -9.49 -15.54
N LEU C 118 1.59 -9.10 -16.14
CA LEU C 118 2.90 -9.05 -15.37
C LEU C 118 2.70 -8.22 -14.16
N ALA C 119 1.82 -7.24 -14.31
CA ALA C 119 1.56 -6.39 -13.20
C ALA C 119 1.02 -7.27 -12.07
N CYS C 120 -0.21 -7.78 -12.19
CA CYS C 120 -0.73 -8.60 -11.13
C CYS C 120 0.30 -9.54 -10.52
N LEU C 121 1.00 -10.31 -11.33
CA LEU C 121 2.04 -11.26 -10.83
C LEU C 121 2.98 -10.67 -9.78
N THR C 122 3.13 -9.37 -9.82
CA THR C 122 3.99 -8.73 -8.88
C THR C 122 3.36 -8.81 -7.48
N SER C 123 2.25 -9.54 -7.35
CA SER C 123 1.56 -9.67 -6.07
C SER C 123 1.64 -11.08 -5.54
N ALA C 124 2.74 -11.35 -4.83
CA ALA C 124 3.00 -12.67 -4.28
C ALA C 124 1.78 -13.26 -3.60
N ASP C 125 0.86 -12.40 -3.21
CA ASP C 125 -0.35 -12.83 -2.53
C ASP C 125 -1.48 -13.29 -3.47
N ASN C 126 -2.29 -12.34 -3.97
CA ASN C 126 -3.42 -12.67 -4.84
C ASN C 126 -2.97 -12.71 -6.32
N THR C 127 -2.94 -13.94 -6.85
CA THR C 127 -2.57 -14.19 -8.25
C THR C 127 -3.66 -15.10 -8.83
N THR C 128 -4.76 -15.20 -8.09
CA THR C 128 -5.89 -16.00 -8.52
C THR C 128 -6.46 -15.46 -9.82
N VAL C 129 -6.83 -16.39 -10.67
CA VAL C 129 -7.43 -16.08 -11.95
C VAL C 129 -8.46 -14.97 -11.77
N GLN C 130 -9.01 -14.85 -10.58
CA GLN C 130 -9.97 -13.79 -10.40
C GLN C 130 -9.31 -12.45 -10.64
N ALA C 131 -8.40 -12.09 -9.74
CA ALA C 131 -7.67 -10.83 -9.78
C ALA C 131 -7.17 -10.39 -11.13
N VAL C 132 -6.27 -11.19 -11.69
CA VAL C 132 -5.69 -10.87 -13.00
C VAL C 132 -6.90 -10.37 -13.87
N ALA C 133 -7.72 -11.31 -14.35
CA ALA C 133 -8.94 -10.99 -15.14
C ALA C 133 -9.54 -9.64 -14.70
N SER C 134 -9.89 -9.48 -13.43
CA SER C 134 -10.39 -8.20 -13.00
C SER C 134 -9.49 -7.12 -13.58
N ALA C 135 -8.20 -7.18 -13.22
CA ALA C 135 -7.20 -6.23 -13.68
C ALA C 135 -7.18 -6.07 -15.18
N ILE C 136 -7.17 -7.19 -15.92
CA ILE C 136 -7.15 -7.10 -17.39
C ILE C 136 -8.54 -6.46 -17.82
N GLY C 137 -9.60 -7.27 -17.78
CA GLY C 137 -10.94 -6.81 -18.12
C GLY C 137 -11.13 -5.33 -17.90
N ARG C 138 -10.69 -4.82 -16.75
CA ARG C 138 -10.81 -3.38 -16.44
C ARG C 138 -10.16 -2.52 -17.52
N ALA C 139 -8.86 -2.71 -17.68
CA ALA C 139 -8.10 -1.97 -18.67
C ALA C 139 -8.87 -2.01 -19.98
N ILE C 140 -9.10 -3.21 -20.51
CA ILE C 140 -9.84 -3.37 -21.77
C ILE C 140 -11.06 -2.45 -21.85
N GLU C 141 -11.78 -2.37 -20.75
CA GLU C 141 -12.93 -1.50 -20.71
C GLU C 141 -12.37 -0.09 -20.73
N ASP C 142 -11.27 0.12 -20.00
CA ASP C 142 -10.64 1.44 -19.94
C ASP C 142 -10.26 1.90 -21.32
N GLU C 143 -10.24 0.97 -22.28
CA GLU C 143 -9.89 1.29 -23.68
C GLU C 143 -11.13 1.21 -24.59
N ALA C 144 -12.09 0.37 -24.18
CA ALA C 144 -13.36 0.19 -24.92
C ALA C 144 -14.04 1.52 -25.07
N ARG C 145 -13.98 2.30 -23.99
CA ARG C 145 -14.53 3.64 -23.92
C ARG C 145 -13.30 4.52 -24.15
N PHE C 146 -13.49 5.76 -24.60
CA PHE C 146 -12.35 6.63 -24.86
C PHE C 146 -11.61 6.06 -26.07
N GLY C 147 -12.29 5.17 -26.78
CA GLY C 147 -11.68 4.53 -27.95
C GLY C 147 -11.04 5.53 -28.89
N ARG C 148 -11.88 6.25 -29.62
CA ARG C 148 -11.39 7.23 -30.58
C ARG C 148 -10.59 8.35 -29.91
N ILE C 149 -11.10 8.85 -28.79
CA ILE C 149 -10.46 9.94 -28.05
C ILE C 149 -9.03 9.56 -27.67
N ARG C 150 -8.84 8.26 -27.44
CA ARG C 150 -7.54 7.71 -27.07
C ARG C 150 -6.62 7.77 -28.27
N ASP C 151 -7.25 7.76 -29.44
CA ASP C 151 -6.55 7.77 -30.73
C ASP C 151 -6.45 9.15 -31.34
N LEU C 152 -7.57 9.77 -31.61
CA LEU C 152 -7.58 11.11 -32.20
C LEU C 152 -6.64 12.06 -31.46
N GLU C 153 -6.48 11.84 -30.16
CA GLU C 153 -5.61 12.68 -29.34
C GLU C 153 -4.19 12.58 -29.89
N ALA C 154 -3.84 11.40 -30.40
CA ALA C 154 -2.51 11.16 -30.96
C ALA C 154 -2.30 11.98 -32.21
N LYS C 155 -3.18 11.77 -33.19
CA LYS C 155 -3.08 12.50 -34.44
C LYS C 155 -2.94 13.96 -34.10
N HIS C 156 -3.39 14.34 -32.92
CA HIS C 156 -3.34 15.73 -32.55
C HIS C 156 -2.05 16.17 -31.89
N PHE C 157 -1.67 15.50 -30.82
CA PHE C 157 -0.44 15.83 -30.11
C PHE C 157 0.78 15.42 -30.93
N LYS C 158 0.54 15.11 -32.20
CA LYS C 158 1.62 14.70 -33.12
C LYS C 158 2.12 15.91 -33.92
N LYS C 159 1.19 16.65 -34.51
CA LYS C 159 1.51 17.82 -35.30
C LYS C 159 2.15 18.88 -34.40
N ASN C 160 3.14 19.59 -34.94
CA ASN C 160 3.81 20.64 -34.19
C ASN C 160 2.86 21.71 -33.69
N VAL C 161 3.41 22.73 -33.06
CA VAL C 161 2.62 23.83 -32.50
C VAL C 161 2.64 25.06 -33.41
N GLU C 162 2.06 26.14 -32.91
CA GLU C 162 1.98 27.41 -33.62
C GLU C 162 3.25 28.23 -33.47
N GLU C 163 4.18 28.00 -34.37
CA GLU C 163 5.43 28.72 -34.38
C GLU C 163 6.07 28.77 -32.99
N GLN C 164 6.90 29.80 -32.81
CA GLN C 164 7.59 30.03 -31.56
C GLN C 164 8.66 29.00 -31.28
N LEU C 165 9.85 29.48 -30.95
CA LEU C 165 10.97 28.60 -30.65
C LEU C 165 11.36 28.78 -29.18
N ASN C 166 11.67 30.03 -28.81
CA ASN C 166 12.07 30.38 -27.45
C ASN C 166 11.16 29.78 -26.39
N LYS C 167 9.94 30.30 -26.30
CA LYS C 167 8.96 29.83 -25.32
C LYS C 167 8.54 28.39 -25.57
N ARG C 168 8.82 27.90 -26.78
CA ARG C 168 8.46 26.54 -27.12
C ARG C 168 9.56 25.58 -26.71
N VAL C 169 10.74 26.11 -26.44
CA VAL C 169 11.88 25.29 -26.03
C VAL C 169 11.45 24.26 -24.99
N GLY C 170 10.57 24.67 -24.08
CA GLY C 170 10.09 23.78 -23.05
C GLY C 170 10.23 24.35 -21.65
N HIS C 171 11.31 25.08 -21.41
CA HIS C 171 11.57 25.67 -20.08
C HIS C 171 12.75 26.63 -20.15
N VAL C 172 13.45 26.60 -21.28
CA VAL C 172 14.62 27.46 -21.47
C VAL C 172 15.66 27.14 -20.40
N TYR C 173 15.66 25.89 -19.93
CA TYR C 173 16.58 25.44 -18.90
C TYR C 173 16.39 26.24 -17.61
N LYS C 174 15.42 27.14 -17.62
CA LYS C 174 15.12 27.96 -16.46
C LYS C 174 14.80 27.10 -15.24
N LYS C 175 15.81 26.90 -14.38
CA LYS C 175 15.67 26.09 -13.17
C LYS C 175 14.75 26.80 -12.18
N ALA C 176 13.44 26.58 -12.35
CA ALA C 176 12.44 27.20 -11.49
C ALA C 176 11.32 26.22 -11.24
N PHE C 177 11.45 25.04 -11.83
CA PHE C 177 10.43 24.02 -11.66
C PHE C 177 9.04 24.61 -11.85
N MET C 178 8.60 24.57 -13.10
CA MET C 178 7.31 25.08 -13.50
C MET C 178 6.20 24.60 -12.56
N GLN C 179 5.34 25.52 -12.16
CA GLN C 179 4.25 25.18 -11.28
C GLN C 179 2.95 25.15 -12.06
N VAL C 180 2.14 24.15 -11.76
CA VAL C 180 0.87 24.00 -12.42
C VAL C 180 0.06 25.28 -12.25
N VAL C 181 -1.15 25.30 -12.80
CA VAL C 181 -2.05 26.45 -12.72
C VAL C 181 -3.30 26.15 -11.88
N GLU C 182 -4.39 26.87 -12.15
CA GLU C 182 -5.65 26.70 -11.40
C GLU C 182 -6.87 26.47 -12.31
N ALA C 183 -7.98 26.07 -11.69
CA ALA C 183 -9.25 25.80 -12.38
C ALA C 183 -9.68 26.95 -13.27
N ASP C 184 -9.07 28.10 -13.04
CA ASP C 184 -9.36 29.30 -13.81
C ASP C 184 -9.26 29.00 -15.31
N MET C 185 -8.03 29.09 -15.82
CA MET C 185 -7.75 28.86 -17.23
C MET C 185 -8.23 27.48 -17.65
N LEU C 186 -8.24 26.58 -16.68
CA LEU C 186 -8.68 25.21 -16.90
C LEU C 186 -9.98 25.13 -17.68
N SER C 187 -9.86 24.73 -18.94
CA SER C 187 -11.02 24.63 -19.81
C SER C 187 -11.93 23.52 -19.36
N LYS C 188 -13.22 23.81 -19.37
CA LYS C 188 -14.21 22.84 -18.99
C LYS C 188 -14.04 21.55 -19.74
N GLY C 189 -13.26 21.57 -20.81
CA GLY C 189 -13.05 20.35 -21.57
C GLY C 189 -12.20 19.36 -20.80
N LEU C 190 -11.48 19.83 -19.78
CA LEU C 190 -10.65 18.92 -19.04
C LEU C 190 -11.20 18.60 -17.68
N LEU C 191 -12.08 17.62 -17.63
CA LEU C 191 -12.69 17.20 -16.37
C LEU C 191 -12.75 15.67 -16.29
N GLY C 192 -13.81 15.18 -15.66
CA GLY C 192 -13.99 13.75 -15.51
C GLY C 192 -15.43 13.29 -15.52
N GLY C 193 -15.65 12.07 -15.99
CA GLY C 193 -16.99 11.52 -16.06
C GLY C 193 -17.03 10.01 -15.88
N GLU C 194 -17.90 9.56 -14.98
CA GLU C 194 -18.07 8.14 -14.69
C GLU C 194 -16.73 7.40 -14.74
N ALA C 195 -15.96 7.50 -13.65
CA ALA C 195 -14.67 6.84 -13.59
C ALA C 195 -14.83 5.42 -13.08
N TRP C 196 -16.07 4.96 -13.06
CA TRP C 196 -16.39 3.60 -12.61
C TRP C 196 -16.78 2.70 -13.79
N SER C 197 -16.24 1.48 -13.77
CA SER C 197 -16.49 0.50 -14.82
C SER C 197 -17.98 0.38 -15.09
N SER C 198 -18.37 0.54 -16.35
CA SER C 198 -19.77 0.46 -16.70
C SER C 198 -20.19 -0.96 -16.97
N TRP C 199 -19.23 -1.79 -17.38
CA TRP C 199 -19.49 -3.20 -17.66
C TRP C 199 -19.80 -3.93 -16.36
N HIS C 200 -20.31 -5.15 -16.47
CA HIS C 200 -20.64 -5.97 -15.30
C HIS C 200 -19.47 -6.90 -14.99
N LYS C 201 -19.06 -6.99 -13.73
CA LYS C 201 -17.92 -7.84 -13.38
C LYS C 201 -17.97 -9.17 -14.09
N GLU C 202 -19.18 -9.65 -14.30
CA GLU C 202 -19.39 -10.92 -14.97
C GLU C 202 -18.61 -10.87 -16.31
N ASP C 203 -19.06 -10.01 -17.21
CA ASP C 203 -18.44 -9.84 -18.51
C ASP C 203 -16.95 -9.48 -18.43
N SER C 204 -16.57 -8.64 -17.47
CA SER C 204 -15.18 -8.25 -17.32
C SER C 204 -14.28 -9.45 -17.13
N ILE C 205 -14.91 -10.54 -16.70
CA ILE C 205 -14.17 -11.77 -16.47
C ILE C 205 -13.93 -12.48 -17.79
N HIS C 206 -14.97 -12.58 -18.60
CA HIS C 206 -14.86 -13.18 -19.91
C HIS C 206 -13.67 -12.61 -20.71
N VAL C 207 -13.57 -11.29 -20.71
CA VAL C 207 -12.55 -10.59 -21.41
C VAL C 207 -11.13 -10.96 -20.92
N GLY C 208 -10.82 -10.64 -19.68
CA GLY C 208 -9.51 -10.96 -19.17
C GLY C 208 -9.10 -12.40 -19.41
N VAL C 209 -9.93 -13.31 -18.92
CA VAL C 209 -9.65 -14.73 -19.08
C VAL C 209 -9.29 -14.93 -20.53
N ARG C 210 -10.27 -14.73 -21.40
CA ARG C 210 -10.04 -14.89 -22.82
C ARG C 210 -8.74 -14.22 -23.19
N CYS C 211 -8.46 -13.05 -22.64
CA CYS C 211 -7.22 -12.39 -22.95
C CYS C 211 -6.12 -13.28 -22.47
N ILE C 212 -6.15 -13.54 -21.18
CA ILE C 212 -5.17 -14.39 -20.59
C ILE C 212 -5.04 -15.63 -21.45
N GLU C 213 -6.18 -16.29 -21.66
CA GLU C 213 -6.28 -17.50 -22.48
C GLU C 213 -5.37 -17.38 -23.70
N MET C 214 -5.68 -16.42 -24.56
CA MET C 214 -4.90 -16.17 -25.76
C MET C 214 -3.48 -15.72 -25.49
N LEU C 215 -3.20 -15.32 -24.25
CA LEU C 215 -1.87 -14.88 -23.91
C LEU C 215 -1.05 -16.12 -23.70
N ILE C 216 -1.75 -17.17 -23.35
CA ILE C 216 -1.11 -18.43 -23.09
C ILE C 216 -0.76 -19.18 -24.35
N GLU C 217 -1.73 -19.21 -25.28
CA GLU C 217 -1.60 -19.86 -26.59
C GLU C 217 -0.43 -19.22 -27.31
N SER C 218 -0.44 -17.89 -27.36
CA SER C 218 0.57 -17.10 -28.05
C SER C 218 1.92 -17.15 -27.35
N THR C 219 1.92 -16.69 -26.10
CA THR C 219 3.12 -16.70 -25.31
C THR C 219 2.87 -17.60 -24.12
N GLY C 220 3.89 -18.36 -23.77
CA GLY C 220 3.76 -19.23 -22.63
C GLY C 220 4.07 -18.43 -21.39
N MET C 221 4.29 -17.12 -21.53
CA MET C 221 4.62 -16.28 -20.39
C MET C 221 4.17 -16.82 -19.03
N VAL C 222 2.87 -16.87 -18.78
CA VAL C 222 2.33 -17.38 -17.50
C VAL C 222 1.40 -18.59 -17.68
N SER C 223 1.40 -19.49 -16.71
CA SER C 223 0.57 -20.69 -16.76
C SER C 223 -0.42 -20.68 -15.59
N LEU C 224 -1.57 -21.35 -15.75
CA LEU C 224 -2.56 -21.41 -14.67
C LEU C 224 -2.46 -22.76 -13.95
N HIS C 225 -2.74 -22.79 -12.65
CA HIS C 225 -2.67 -24.03 -11.88
C HIS C 225 -3.73 -24.17 -10.81
N ARG C 226 -4.13 -25.40 -10.54
CA ARG C 226 -5.13 -25.67 -9.54
C ARG C 226 -4.46 -25.72 -8.18
N GLN C 227 -4.57 -24.64 -7.41
CA GLN C 227 -3.95 -24.58 -6.08
C GLN C 227 -4.81 -25.27 -5.03
N ASN C 228 -4.18 -26.21 -4.31
CA ASN C 228 -4.84 -26.96 -3.24
C ASN C 228 -6.27 -27.29 -3.57
N ALA C 229 -6.45 -28.29 -4.42
CA ALA C 229 -7.79 -28.67 -4.82
C ALA C 229 -8.54 -29.36 -3.70
N GLY C 230 -9.82 -29.63 -3.94
CA GLY C 230 -10.64 -30.29 -2.95
C GLY C 230 -10.71 -29.53 -1.63
N VAL C 231 -9.95 -28.45 -1.53
CA VAL C 231 -9.94 -27.67 -0.32
C VAL C 231 -11.05 -26.63 -0.34
N VAL C 232 -12.22 -27.00 0.18
CA VAL C 232 -13.40 -26.13 0.20
C VAL C 232 -13.20 -24.70 0.71
N GLY C 233 -12.05 -24.41 1.28
CA GLY C 233 -11.85 -23.05 1.77
C GLY C 233 -10.67 -22.35 1.14
N GLN C 234 -9.67 -23.13 0.78
CA GLN C 234 -8.45 -22.62 0.17
C GLN C 234 -8.28 -23.13 -1.25
N ASP C 235 -9.40 -23.44 -1.88
CA ASP C 235 -9.34 -23.92 -3.24
C ASP C 235 -9.53 -22.71 -4.16
N SER C 236 -8.62 -22.55 -5.13
CA SER C 236 -8.65 -21.44 -6.11
C SER C 236 -7.63 -21.72 -7.24
N GLU C 237 -7.75 -20.97 -8.33
CA GLU C 237 -6.85 -21.14 -9.48
C GLU C 237 -6.01 -19.88 -9.67
N THR C 238 -4.70 -20.05 -9.73
CA THR C 238 -3.81 -18.90 -9.89
C THR C 238 -2.88 -19.11 -11.05
N ILE C 239 -2.34 -18.01 -11.53
CA ILE C 239 -1.42 -18.06 -12.65
C ILE C 239 0.01 -17.82 -12.18
N GLU C 240 0.88 -18.77 -12.46
CA GLU C 240 2.29 -18.63 -12.07
C GLU C 240 3.17 -18.50 -13.30
N LEU C 241 3.73 -17.31 -13.48
CA LEU C 241 4.62 -17.08 -14.60
C LEU C 241 5.56 -18.27 -14.85
N ALA C 242 5.76 -18.59 -16.14
CA ALA C 242 6.63 -19.67 -16.58
C ALA C 242 8.06 -19.31 -16.19
N PRO C 243 8.88 -20.31 -15.85
CA PRO C 243 10.28 -20.14 -15.45
C PRO C 243 11.12 -19.36 -16.45
N GLU C 244 11.06 -19.79 -17.71
CA GLU C 244 11.82 -19.17 -18.79
C GLU C 244 11.87 -17.66 -18.63
N TYR C 245 10.71 -17.04 -18.71
CA TYR C 245 10.61 -15.60 -18.57
C TYR C 245 11.18 -15.16 -17.23
N ALA C 246 10.78 -15.84 -16.17
CA ALA C 246 11.24 -15.51 -14.83
C ALA C 246 12.74 -15.46 -14.81
N GLU C 247 13.33 -16.50 -15.39
CA GLU C 247 14.76 -16.63 -15.45
C GLU C 247 15.40 -15.49 -16.24
N ALA C 248 14.75 -15.08 -17.32
CA ALA C 248 15.29 -14.01 -18.15
C ALA C 248 14.84 -12.64 -17.63
N ILE C 249 14.53 -12.59 -16.35
CA ILE C 249 14.13 -11.34 -15.74
C ILE C 249 15.09 -11.06 -14.60
N ALA C 250 15.80 -12.08 -14.17
CA ALA C 250 16.75 -11.91 -13.09
C ALA C 250 18.10 -11.69 -13.70
N THR C 251 18.28 -12.32 -14.85
CA THR C 251 19.52 -12.22 -15.56
C THR C 251 19.42 -11.21 -16.66
N ARG C 252 18.60 -11.51 -17.66
CA ARG C 252 18.47 -10.56 -18.75
C ARG C 252 18.00 -9.19 -18.28
N ALA C 253 18.95 -8.26 -18.11
CA ALA C 253 18.69 -6.87 -17.69
C ALA C 253 17.76 -6.15 -18.67
N GLY C 254 16.95 -5.23 -18.14
CA GLY C 254 16.01 -4.50 -18.97
C GLY C 254 15.01 -5.46 -19.59
N ALA C 255 14.91 -6.65 -19.05
CA ALA C 255 13.98 -7.57 -19.63
C ALA C 255 12.60 -6.90 -19.79
N LEU C 256 12.09 -6.29 -18.74
CA LEU C 256 10.76 -5.65 -18.83
C LEU C 256 10.84 -4.29 -19.47
N ALA C 257 11.95 -4.07 -20.18
CA ALA C 257 12.24 -2.82 -20.85
C ALA C 257 10.99 -2.03 -21.25
N GLY C 258 10.32 -2.45 -22.30
CA GLY C 258 9.14 -1.71 -22.73
C GLY C 258 7.93 -1.84 -21.83
N ILE C 259 8.06 -2.63 -20.77
CA ILE C 259 6.95 -2.82 -19.85
C ILE C 259 6.91 -1.69 -18.82
N SER C 260 5.78 -0.99 -18.75
CA SER C 260 5.61 0.09 -17.81
C SER C 260 4.23 -0.01 -17.13
N PRO C 261 4.22 -0.05 -15.78
CA PRO C 261 2.99 -0.16 -14.98
C PRO C 261 1.90 0.65 -15.61
N MET C 262 0.66 0.25 -15.39
CA MET C 262 -0.45 0.96 -15.98
C MET C 262 -0.59 2.35 -15.41
N PHE C 263 0.36 2.68 -14.54
CA PHE C 263 0.42 4.00 -13.92
C PHE C 263 1.86 4.42 -13.65
N GLN C 264 2.30 5.45 -14.37
CA GLN C 264 3.66 5.96 -14.21
C GLN C 264 3.66 7.44 -13.79
N PRO C 265 4.80 7.93 -13.28
CA PRO C 265 4.94 9.32 -12.85
C PRO C 265 4.65 10.26 -14.01
N CYS C 266 4.97 11.52 -13.81
CA CYS C 266 4.75 12.53 -14.84
C CYS C 266 5.95 13.45 -14.79
N VAL C 267 6.38 13.91 -15.95
CA VAL C 267 7.52 14.81 -15.95
C VAL C 267 7.04 16.25 -15.94
N VAL C 268 5.76 16.47 -15.60
CA VAL C 268 5.17 17.81 -15.54
C VAL C 268 4.21 17.98 -14.34
N PRO C 269 3.95 19.23 -13.89
CA PRO C 269 3.03 19.37 -12.76
C PRO C 269 1.66 18.75 -13.11
N PRO C 270 1.16 17.84 -12.26
CA PRO C 270 -0.14 17.18 -12.48
C PRO C 270 -1.38 18.09 -12.59
N LYS C 271 -2.46 17.53 -13.12
CA LYS C 271 -3.72 18.28 -13.26
C LYS C 271 -4.37 18.36 -11.88
N PRO C 272 -4.49 19.58 -11.31
CA PRO C 272 -5.10 19.81 -9.99
C PRO C 272 -6.57 19.31 -9.82
N TRP C 273 -6.95 18.93 -8.60
CA TRP C 273 -8.30 18.43 -8.33
C TRP C 273 -9.28 19.57 -7.96
N THR C 274 -10.56 19.28 -8.14
CA THR C 274 -11.63 20.22 -7.86
C THR C 274 -12.92 19.46 -7.99
N GLY C 275 -12.77 18.15 -8.15
CA GLY C 275 -13.94 17.32 -8.28
C GLY C 275 -13.57 15.91 -7.91
N ILE C 276 -14.61 15.09 -7.75
CA ILE C 276 -14.46 13.68 -7.38
C ILE C 276 -13.64 12.91 -8.43
N THR C 277 -13.56 13.51 -9.62
CA THR C 277 -12.83 12.97 -10.76
C THR C 277 -12.31 14.10 -11.61
N GLY C 278 -11.08 13.93 -12.08
CA GLY C 278 -10.45 14.93 -12.92
C GLY C 278 -9.18 15.44 -12.27
N GLY C 279 -8.20 14.56 -12.11
CA GLY C 279 -6.96 14.99 -11.50
C GLY C 279 -5.84 14.07 -11.87
N GLY C 280 -4.67 14.38 -11.32
CA GLY C 280 -3.49 13.57 -11.60
C GLY C 280 -3.02 13.69 -13.04
N TYR C 281 -3.71 13.00 -13.94
CA TYR C 281 -3.34 13.02 -15.35
C TYR C 281 -4.21 13.97 -16.18
N TRP C 282 -3.63 14.50 -17.25
CA TRP C 282 -4.32 15.42 -18.15
C TRP C 282 -5.00 14.72 -19.32
N ALA C 283 -4.24 13.98 -20.12
CA ALA C 283 -4.77 13.27 -21.30
C ALA C 283 -6.25 12.84 -21.20
N ASN C 284 -7.14 13.59 -21.83
CA ASN C 284 -8.58 13.25 -21.80
C ASN C 284 -8.86 12.02 -22.65
N GLY C 285 -7.80 11.37 -23.11
CA GLY C 285 -7.98 10.17 -23.92
C GLY C 285 -7.82 8.90 -23.12
N ARG C 286 -7.68 9.03 -21.80
CA ARG C 286 -7.51 7.86 -20.93
C ARG C 286 -8.67 7.69 -19.96
N ARG C 287 -8.38 7.02 -18.85
CA ARG C 287 -9.34 6.78 -17.78
C ARG C 287 -9.16 7.90 -16.73
N PRO C 288 -10.27 8.52 -16.27
CA PRO C 288 -10.15 9.59 -15.26
C PRO C 288 -9.75 9.05 -13.87
N LEU C 289 -9.30 9.90 -12.94
CA LEU C 289 -8.91 9.43 -11.60
C LEU C 289 -9.97 9.63 -10.58
N ALA C 290 -10.02 8.76 -9.59
CA ALA C 290 -11.02 8.95 -8.57
C ALA C 290 -10.33 9.52 -7.36
N LEU C 291 -10.82 10.67 -6.92
CA LEU C 291 -10.29 11.37 -5.77
C LEU C 291 -10.32 10.48 -4.56
N VAL C 292 -11.35 9.63 -4.52
CA VAL C 292 -11.56 8.70 -3.42
C VAL C 292 -11.89 7.32 -3.96
N ARG C 293 -10.94 6.41 -3.88
CA ARG C 293 -11.10 5.03 -4.36
C ARG C 293 -12.19 4.28 -3.57
N THR C 294 -13.43 4.47 -4.00
CA THR C 294 -14.59 3.87 -3.36
C THR C 294 -15.01 2.52 -3.92
N HIS C 295 -15.22 1.57 -3.04
CA HIS C 295 -15.65 0.28 -3.51
C HIS C 295 -17.15 0.30 -3.90
N SER C 296 -17.53 1.31 -4.69
CA SER C 296 -18.90 1.47 -5.13
C SER C 296 -19.12 2.81 -5.87
N LYS C 297 -20.28 2.97 -6.51
CA LYS C 297 -20.58 4.20 -7.25
C LYS C 297 -21.25 5.24 -6.39
N LYS C 298 -22.35 4.84 -5.77
CA LYS C 298 -23.12 5.73 -4.91
C LYS C 298 -22.22 6.40 -3.89
N ALA C 299 -21.40 5.59 -3.21
CA ALA C 299 -20.50 6.10 -2.19
C ALA C 299 -19.66 7.26 -2.69
N LEU C 300 -19.13 7.10 -3.89
CA LEU C 300 -18.32 8.13 -4.49
C LEU C 300 -19.18 9.32 -4.88
N MET C 301 -20.42 9.06 -5.28
CA MET C 301 -21.34 10.14 -5.69
C MET C 301 -21.69 11.06 -4.54
N ARG C 302 -21.71 10.50 -3.34
CA ARG C 302 -21.98 11.31 -2.17
C ARG C 302 -20.90 12.38 -2.13
N TYR C 303 -19.65 11.97 -2.32
CA TYR C 303 -18.51 12.89 -2.26
C TYR C 303 -18.53 14.00 -3.29
N GLU C 304 -19.48 13.97 -4.20
CA GLU C 304 -19.54 15.02 -5.21
C GLU C 304 -19.65 16.40 -4.52
N ASP C 305 -20.86 16.74 -4.05
CA ASP C 305 -21.11 18.00 -3.34
C ASP C 305 -20.66 17.84 -1.90
N VAL C 306 -19.52 18.43 -1.58
CA VAL C 306 -18.97 18.31 -0.23
C VAL C 306 -18.59 19.66 0.39
N TYR C 307 -18.06 20.57 -0.43
CA TYR C 307 -17.68 21.88 0.11
C TYR C 307 -16.59 21.61 1.17
N MET C 308 -15.53 20.93 0.75
CA MET C 308 -14.42 20.62 1.66
C MET C 308 -13.10 21.08 1.08
N PRO C 309 -12.92 22.40 0.95
CA PRO C 309 -11.73 23.05 0.42
C PRO C 309 -10.46 22.51 1.04
N GLU C 310 -10.46 22.36 2.34
CA GLU C 310 -9.28 21.88 3.00
C GLU C 310 -8.80 20.54 2.49
N VAL C 311 -9.73 19.69 2.05
CA VAL C 311 -9.31 18.38 1.55
C VAL C 311 -8.52 18.53 0.24
N TYR C 312 -9.11 19.23 -0.72
CA TYR C 312 -8.52 19.48 -2.03
C TYR C 312 -7.12 20.11 -1.90
N LYS C 313 -7.09 21.37 -1.44
CA LYS C 313 -5.84 22.09 -1.28
C LYS C 313 -4.78 21.19 -0.74
N ALA C 314 -5.17 20.35 0.21
CA ALA C 314 -4.24 19.44 0.80
C ALA C 314 -3.58 18.54 -0.25
N ILE C 315 -4.41 17.78 -0.97
CA ILE C 315 -3.90 16.86 -1.98
C ILE C 315 -3.18 17.60 -3.09
N ASN C 316 -3.78 18.71 -3.52
CA ASN C 316 -3.22 19.53 -4.57
C ASN C 316 -1.78 19.86 -4.26
N ILE C 317 -1.48 20.12 -3.02
CA ILE C 317 -0.12 20.45 -2.64
C ILE C 317 0.80 19.24 -2.69
N ALA C 318 0.26 18.11 -2.21
CA ALA C 318 0.95 16.83 -2.16
C ALA C 318 1.31 16.37 -3.57
N GLN C 319 0.36 16.54 -4.47
CA GLN C 319 0.51 16.15 -5.87
C GLN C 319 1.61 16.99 -6.53
N ASN C 320 1.62 18.29 -6.22
CA ASN C 320 2.58 19.26 -6.78
C ASN C 320 3.97 19.11 -6.19
N THR C 321 4.20 17.93 -5.64
CA THR C 321 5.48 17.61 -5.05
C THR C 321 6.36 17.00 -6.13
N ALA C 322 7.32 17.81 -6.63
CA ALA C 322 8.26 17.41 -7.69
C ALA C 322 9.32 16.43 -7.21
N TRP C 323 9.59 15.38 -7.99
CA TRP C 323 10.59 14.40 -7.58
C TRP C 323 11.70 14.18 -8.59
N LYS C 324 12.84 13.67 -8.13
CA LYS C 324 13.99 13.43 -8.99
C LYS C 324 14.54 12.04 -8.75
N ILE C 325 15.06 11.41 -9.78
CA ILE C 325 15.62 10.08 -9.59
C ILE C 325 17.03 10.17 -9.00
N ASN C 326 17.27 9.47 -7.90
CA ASN C 326 18.58 9.48 -7.28
C ASN C 326 19.63 8.81 -8.15
N LYS C 327 20.02 9.50 -9.20
CA LYS C 327 20.99 8.96 -10.13
C LYS C 327 22.14 8.15 -9.50
N LYS C 328 22.61 8.60 -8.35
CA LYS C 328 23.71 7.88 -7.72
C LYS C 328 23.29 6.49 -7.26
N VAL C 329 22.22 6.40 -6.50
CA VAL C 329 21.72 5.12 -6.03
C VAL C 329 21.55 4.13 -7.19
N LEU C 330 20.66 4.49 -8.13
CA LEU C 330 20.36 3.67 -9.29
C LEU C 330 21.57 2.99 -9.79
N ALA C 331 22.57 3.84 -10.03
CA ALA C 331 23.92 3.48 -10.49
C ALA C 331 24.41 2.18 -9.87
N VAL C 332 24.07 1.98 -8.60
CA VAL C 332 24.45 0.78 -7.86
C VAL C 332 23.29 -0.20 -7.78
N ALA C 333 22.09 0.37 -7.76
CA ALA C 333 20.84 -0.36 -7.69
C ALA C 333 20.80 -1.49 -8.70
N ASN C 334 20.56 -1.11 -9.94
CA ASN C 334 20.48 -2.06 -11.04
C ASN C 334 21.76 -2.86 -11.14
N VAL C 335 22.79 -2.46 -10.41
CA VAL C 335 24.05 -3.18 -10.45
C VAL C 335 24.04 -4.42 -9.58
N ILE C 336 23.93 -4.23 -8.28
CA ILE C 336 23.96 -5.35 -7.37
C ILE C 336 22.81 -6.33 -7.58
N THR C 337 21.63 -5.83 -7.95
CA THR C 337 20.49 -6.69 -8.15
C THR C 337 20.76 -7.82 -9.12
N LYS C 338 21.92 -7.77 -9.77
CA LYS C 338 22.26 -8.81 -10.72
C LYS C 338 23.41 -9.66 -10.25
N TRP C 339 23.67 -9.60 -8.93
CA TRP C 339 24.77 -10.34 -8.30
C TRP C 339 24.25 -11.65 -7.76
N LYS C 340 25.02 -12.71 -7.91
CA LYS C 340 24.57 -14.01 -7.44
C LYS C 340 24.17 -13.89 -5.99
N HIS C 341 25.06 -13.32 -5.19
CA HIS C 341 24.85 -13.11 -3.77
C HIS C 341 24.94 -11.63 -3.43
N CYS C 342 23.78 -10.98 -3.39
CA CYS C 342 23.69 -9.55 -3.09
C CYS C 342 23.76 -9.30 -1.59
N PRO C 343 24.49 -8.26 -1.18
CA PRO C 343 24.62 -7.94 0.24
C PRO C 343 23.25 -7.69 0.87
N VAL C 344 22.24 -7.53 0.04
CA VAL C 344 20.91 -7.31 0.52
C VAL C 344 20.08 -8.57 0.34
N GLU C 345 19.76 -9.22 1.44
CA GLU C 345 19.00 -10.45 1.40
C GLU C 345 17.55 -10.14 1.07
N ASP C 346 17.20 -8.88 1.26
CA ASP C 346 15.86 -8.41 0.98
C ASP C 346 15.66 -8.41 -0.52
N ILE C 347 16.67 -8.87 -1.21
CA ILE C 347 16.65 -8.93 -2.65
C ILE C 347 16.53 -10.37 -3.06
N PRO C 348 15.52 -10.70 -3.85
CA PRO C 348 15.33 -12.07 -4.31
C PRO C 348 16.46 -12.52 -5.24
N ALA C 349 17.34 -13.37 -4.73
CA ALA C 349 18.47 -13.85 -5.52
C ALA C 349 18.10 -14.39 -6.89
N ILE C 350 19.12 -14.77 -7.64
CA ILE C 350 18.94 -15.30 -8.98
C ILE C 350 19.17 -16.81 -9.02
N GLU C 351 19.86 -17.32 -8.01
CA GLU C 351 20.13 -18.76 -7.93
C GLU C 351 18.83 -19.54 -7.77
N ARG C 352 18.89 -20.85 -8.01
CA ARG C 352 17.73 -21.73 -7.90
C ARG C 352 17.65 -22.34 -6.50
N GLU C 353 16.47 -22.30 -5.90
CA GLU C 353 16.29 -22.84 -4.57
C GLU C 353 15.88 -24.31 -4.59
N GLU C 354 16.82 -25.18 -4.23
CA GLU C 354 16.56 -26.62 -4.20
C GLU C 354 15.57 -26.95 -3.09
N LEU C 355 15.72 -28.12 -2.48
CA LEU C 355 14.87 -28.55 -1.38
C LEU C 355 15.29 -29.92 -0.82
N PRO C 356 14.98 -30.19 0.47
CA PRO C 356 15.34 -31.46 1.07
C PRO C 356 14.60 -32.59 0.37
N MET C 357 15.33 -33.34 -0.45
CA MET C 357 14.76 -34.46 -1.19
C MET C 357 13.98 -35.40 -0.27
N LYS C 358 13.44 -36.48 -0.84
CA LYS C 358 12.67 -37.48 -0.09
C LYS C 358 13.43 -37.94 1.16
N PRO C 359 12.78 -37.86 2.34
CA PRO C 359 13.42 -38.28 3.59
C PRO C 359 13.83 -39.75 3.63
N GLU C 360 15.07 -40.01 3.25
CA GLU C 360 15.65 -41.35 3.25
C GLU C 360 14.65 -42.37 2.68
N ASP C 361 13.86 -42.97 3.56
CA ASP C 361 12.85 -43.96 3.17
C ASP C 361 11.85 -43.34 2.21
N ILE C 362 10.73 -44.04 2.00
CA ILE C 362 9.68 -43.58 1.10
C ILE C 362 8.30 -43.62 1.74
N ASP C 363 7.73 -44.81 1.93
CA ASP C 363 6.41 -44.94 2.52
C ASP C 363 6.40 -44.91 4.03
N MET C 364 6.25 -43.70 4.58
CA MET C 364 6.20 -43.51 6.02
C MET C 364 5.36 -42.28 6.37
N ASN C 365 4.70 -42.30 7.52
CA ASN C 365 3.88 -41.17 7.95
C ASN C 365 4.08 -40.89 9.45
N PRO C 366 5.33 -40.94 9.93
CA PRO C 366 5.56 -40.68 11.36
C PRO C 366 5.51 -39.18 11.65
N GLU C 367 6.65 -38.53 11.56
CA GLU C 367 6.74 -37.09 11.79
C GLU C 367 7.64 -36.52 10.72
N ALA C 368 8.15 -37.41 9.88
CA ALA C 368 9.05 -37.04 8.80
C ALA C 368 8.29 -36.64 7.55
N LEU C 369 7.72 -37.64 6.88
CA LEU C 369 6.96 -37.37 5.68
C LEU C 369 5.64 -36.70 6.00
N THR C 370 5.21 -36.84 7.26
CA THR C 370 3.97 -36.24 7.74
C THR C 370 4.16 -34.73 7.80
N ALA C 371 5.32 -34.34 8.29
CA ALA C 371 5.68 -32.93 8.41
C ALA C 371 6.39 -32.48 7.14
N TRP C 372 6.80 -33.43 6.31
CA TRP C 372 7.49 -33.15 5.06
C TRP C 372 6.51 -32.43 4.12
N LYS C 373 5.25 -32.79 4.25
CA LYS C 373 4.17 -32.20 3.47
C LYS C 373 4.22 -30.71 3.75
N ARG C 374 4.92 -30.34 4.80
CA ARG C 374 5.04 -28.94 5.19
C ARG C 374 6.53 -28.58 5.36
N ALA C 375 7.41 -29.56 5.12
CA ALA C 375 8.87 -29.37 5.22
C ALA C 375 9.47 -29.26 3.82
N ALA C 376 8.61 -29.45 2.82
CA ALA C 376 9.00 -29.39 1.42
C ALA C 376 8.20 -28.32 0.67
N ALA C 377 7.03 -27.98 1.20
CA ALA C 377 6.16 -26.97 0.59
C ALA C 377 6.73 -25.56 0.77
N ALA C 378 7.69 -25.42 1.67
CA ALA C 378 8.34 -24.14 1.95
C ALA C 378 8.98 -23.62 0.67
N VAL C 379 9.62 -24.54 -0.02
CA VAL C 379 10.26 -24.19 -1.26
C VAL C 379 9.17 -23.95 -2.31
N TYR C 380 8.11 -24.76 -2.28
CA TYR C 380 7.02 -24.61 -3.25
C TYR C 380 6.17 -23.39 -2.94
N ARG C 381 6.46 -22.78 -1.79
CA ARG C 381 5.74 -21.60 -1.32
C ARG C 381 6.64 -20.37 -1.40
N LYS C 382 7.94 -20.60 -1.52
CA LYS C 382 8.91 -19.52 -1.61
C LYS C 382 9.32 -19.21 -3.05
N ASP C 383 9.39 -20.24 -3.88
CA ASP C 383 9.75 -20.07 -5.27
C ASP C 383 8.66 -19.19 -5.89
N LYS C 384 7.46 -19.19 -5.31
CA LYS C 384 6.35 -18.39 -5.79
C LYS C 384 6.48 -16.93 -5.33
N ALA C 385 6.99 -16.75 -4.12
CA ALA C 385 7.17 -15.42 -3.50
C ALA C 385 8.37 -14.65 -4.08
N ARG C 386 9.47 -15.36 -4.28
CA ARG C 386 10.67 -14.78 -4.85
C ARG C 386 10.32 -14.18 -6.20
N LYS C 387 9.86 -15.01 -7.12
CA LYS C 387 9.49 -14.50 -8.42
C LYS C 387 8.70 -13.19 -8.25
N SER C 388 7.84 -13.12 -7.23
CA SER C 388 7.05 -11.91 -6.99
C SER C 388 7.88 -10.67 -6.69
N ARG C 389 8.62 -10.74 -5.61
CA ARG C 389 9.48 -9.67 -5.14
C ARG C 389 10.50 -9.28 -6.20
N ARG C 390 10.81 -10.22 -7.08
CA ARG C 390 11.77 -9.92 -8.11
C ARG C 390 11.08 -9.17 -9.23
N ILE C 391 9.99 -9.74 -9.75
CA ILE C 391 9.30 -9.07 -10.84
C ILE C 391 9.02 -7.64 -10.42
N SER C 392 8.76 -7.46 -9.14
CA SER C 392 8.48 -6.14 -8.60
C SER C 392 9.73 -5.27 -8.77
N LEU C 393 10.85 -5.72 -8.18
CA LEU C 393 12.13 -5.00 -8.26
C LEU C 393 12.40 -4.58 -9.68
N GLU C 394 12.43 -5.54 -10.60
CA GLU C 394 12.70 -5.18 -11.98
C GLU C 394 11.81 -4.05 -12.45
N PHE C 395 10.60 -3.94 -11.88
CA PHE C 395 9.69 -2.87 -12.28
C PHE C 395 10.25 -1.52 -11.82
N MET C 396 10.38 -1.36 -10.51
CA MET C 396 10.90 -0.12 -9.98
C MET C 396 12.23 0.24 -10.65
N LEU C 397 13.00 -0.76 -11.05
CA LEU C 397 14.27 -0.48 -11.65
C LEU C 397 14.14 0.07 -13.06
N GLU C 398 13.15 -0.39 -13.79
CA GLU C 398 12.97 0.09 -15.15
C GLU C 398 12.58 1.58 -15.09
N GLN C 399 11.53 1.88 -14.33
CA GLN C 399 11.05 3.27 -14.20
C GLN C 399 12.20 4.23 -13.84
N ALA C 400 13.07 3.75 -12.94
CA ALA C 400 14.25 4.48 -12.49
C ALA C 400 15.12 4.70 -13.68
N ASN C 401 15.74 3.64 -14.16
CA ASN C 401 16.56 3.86 -15.30
C ASN C 401 15.77 4.64 -16.35
N LYS C 402 14.44 4.52 -16.35
CA LYS C 402 13.63 5.24 -17.31
C LYS C 402 13.64 6.77 -17.11
N PHE C 403 13.25 7.21 -15.91
CA PHE C 403 13.22 8.64 -15.61
C PHE C 403 14.52 9.17 -14.98
N ALA C 404 15.47 8.28 -14.73
CA ALA C 404 16.75 8.60 -14.13
C ALA C 404 17.24 10.03 -14.36
N ASN C 405 17.08 10.49 -15.59
CA ASN C 405 17.50 11.83 -15.94
C ASN C 405 16.41 12.86 -15.71
N HIS C 406 15.25 12.64 -16.32
CA HIS C 406 14.17 13.58 -16.16
C HIS C 406 14.34 14.59 -15.06
N LYS C 407 14.41 15.85 -15.49
CA LYS C 407 14.59 17.02 -14.64
C LYS C 407 13.71 16.96 -13.42
N ALA C 408 12.41 16.81 -13.65
CA ALA C 408 11.47 16.73 -12.56
C ALA C 408 10.33 15.79 -12.94
N ILE C 409 9.80 15.12 -11.90
CA ILE C 409 8.70 14.18 -12.05
C ILE C 409 7.74 14.23 -10.87
N TRP C 410 6.47 14.34 -11.19
CA TRP C 410 5.43 14.42 -10.17
C TRP C 410 4.65 13.13 -9.97
N PHE C 411 4.03 12.99 -8.80
CA PHE C 411 3.22 11.81 -8.50
C PHE C 411 1.82 12.20 -8.17
N PRO C 412 0.85 11.61 -8.86
CA PRO C 412 -0.57 11.92 -8.60
C PRO C 412 -1.11 11.24 -7.33
N TYR C 413 -1.93 11.94 -6.56
CA TYR C 413 -2.45 11.35 -5.35
C TYR C 413 -3.93 11.04 -5.31
N ASN C 414 -4.24 10.05 -4.50
CA ASN C 414 -5.60 9.56 -4.30
C ASN C 414 -5.75 9.26 -2.84
N MET C 415 -6.97 8.90 -2.45
CA MET C 415 -7.22 8.57 -1.05
C MET C 415 -8.41 7.61 -0.92
N ASP C 416 -8.26 6.55 -0.10
CA ASP C 416 -9.31 5.54 0.15
C ASP C 416 -10.54 6.17 0.77
N TRP C 417 -11.62 5.42 0.91
CA TRP C 417 -12.83 6.05 1.46
C TRP C 417 -12.64 6.56 2.87
N ARG C 418 -11.46 6.27 3.39
CA ARG C 418 -11.12 6.65 4.74
C ARG C 418 -10.37 8.00 4.82
N GLY C 419 -9.70 8.39 3.75
CA GLY C 419 -8.96 9.64 3.81
C GLY C 419 -7.49 9.41 3.49
N ARG C 420 -6.82 8.45 4.15
CA ARG C 420 -5.39 8.25 3.86
C ARG C 420 -5.00 8.57 2.40
N VAL C 421 -3.87 9.26 2.25
CA VAL C 421 -3.32 9.71 0.96
C VAL C 421 -2.29 8.82 0.26
N TYR C 422 -2.71 8.29 -0.88
CA TYR C 422 -1.86 7.41 -1.68
C TYR C 422 -1.48 8.06 -3.02
N ALA C 423 -0.28 7.71 -3.46
CA ALA C 423 0.24 8.17 -4.70
C ALA C 423 -0.25 7.10 -5.68
N VAL C 424 -0.68 7.56 -6.86
CA VAL C 424 -1.21 6.70 -7.93
C VAL C 424 -0.14 5.88 -8.68
N SER C 425 1.00 6.50 -8.94
CA SER C 425 2.11 5.84 -9.61
C SER C 425 2.55 4.61 -8.82
N MET C 426 2.60 3.46 -9.49
CA MET C 426 2.99 2.22 -8.83
C MET C 426 4.39 2.39 -8.23
N PHE C 427 5.16 3.29 -8.83
CA PHE C 427 6.51 3.61 -8.38
C PHE C 427 6.33 4.82 -7.47
N ASN C 428 5.56 4.64 -6.40
CA ASN C 428 5.31 5.73 -5.46
C ASN C 428 6.40 5.77 -4.39
N PRO C 429 6.73 6.96 -3.85
CA PRO C 429 7.75 7.19 -2.82
C PRO C 429 7.37 6.46 -1.53
N GLN C 430 6.17 5.89 -1.57
CA GLN C 430 5.57 5.15 -0.47
C GLN C 430 5.80 3.63 -0.64
N GLY C 431 6.98 3.23 -1.12
CA GLY C 431 7.31 1.81 -1.34
C GLY C 431 8.53 1.28 -0.60
N ASN C 432 9.05 0.12 -0.97
CA ASN C 432 10.18 -0.41 -0.25
C ASN C 432 11.43 0.51 -0.21
N ASP C 433 12.46 0.05 0.51
CA ASP C 433 13.73 0.75 0.72
C ASP C 433 14.41 1.11 -0.59
N MET C 434 14.57 0.09 -1.43
CA MET C 434 15.16 0.30 -2.74
C MET C 434 14.42 1.46 -3.38
N THR C 435 13.11 1.29 -3.58
CA THR C 435 12.27 2.30 -4.18
C THR C 435 12.44 3.69 -3.57
N LYS C 436 12.39 3.79 -2.25
CA LYS C 436 12.51 5.09 -1.58
C LYS C 436 13.90 5.71 -1.75
N GLY C 437 14.93 4.90 -1.49
CA GLY C 437 16.29 5.35 -1.63
C GLY C 437 16.54 5.91 -3.02
N LEU C 438 15.79 5.42 -4.01
CA LEU C 438 15.95 5.88 -5.40
C LEU C 438 15.15 7.14 -5.70
N LEU C 439 14.59 7.71 -4.67
CA LEU C 439 13.84 8.91 -4.82
C LEU C 439 14.40 10.01 -3.97
N THR C 440 14.11 11.23 -4.40
CA THR C 440 14.58 12.40 -3.73
C THR C 440 13.76 13.50 -4.35
N LEU C 441 13.92 14.69 -3.79
CA LEU C 441 13.20 15.85 -4.28
C LEU C 441 14.15 16.65 -5.15
N ALA C 442 13.82 17.91 -5.38
CA ALA C 442 14.65 18.77 -6.21
C ALA C 442 14.76 20.22 -5.69
N LYS C 443 13.65 20.78 -5.22
CA LYS C 443 13.65 22.16 -4.74
C LYS C 443 14.47 22.34 -3.49
N GLY C 444 15.50 21.51 -3.34
CA GLY C 444 16.35 21.58 -2.18
C GLY C 444 17.00 22.94 -1.97
N LYS C 445 17.62 23.11 -0.81
CA LYS C 445 18.31 24.35 -0.45
C LYS C 445 19.49 24.02 0.44
N PRO C 446 20.51 24.90 0.46
CA PRO C 446 21.70 24.68 1.29
C PRO C 446 21.28 24.28 2.68
N ILE C 447 21.35 22.98 2.92
CA ILE C 447 20.99 22.37 4.19
C ILE C 447 21.36 23.24 5.42
N GLY C 448 22.61 23.67 5.47
CA GLY C 448 23.06 24.49 6.59
C GLY C 448 23.35 23.65 7.82
N LYS C 449 23.10 24.24 8.97
CA LYS C 449 23.36 23.52 10.20
C LYS C 449 22.15 22.71 10.61
N GLU C 450 21.05 23.43 10.86
CA GLU C 450 19.78 22.85 11.30
C GLU C 450 19.55 21.54 10.56
N GLY C 451 19.76 21.57 9.25
CA GLY C 451 19.56 20.37 8.47
C GLY C 451 20.59 19.29 8.68
N TYR C 452 21.86 19.67 8.59
CA TYR C 452 22.94 18.73 8.75
C TYR C 452 22.69 17.85 9.96
N TYR C 453 22.27 18.49 11.04
CA TYR C 453 21.95 17.78 12.27
C TYR C 453 20.99 16.64 11.95
N TRP C 454 19.76 17.01 11.57
CA TRP C 454 18.74 16.02 11.25
C TRP C 454 19.17 15.07 10.15
N LEU C 455 20.04 15.53 9.27
CA LEU C 455 20.51 14.64 8.25
C LEU C 455 21.19 13.50 8.98
N LYS C 456 22.14 13.81 9.86
CA LYS C 456 22.82 12.75 10.57
C LYS C 456 21.80 11.96 11.37
N ILE C 457 20.69 12.60 11.68
CA ILE C 457 19.64 11.92 12.43
C ILE C 457 18.95 10.94 11.51
N HIS C 458 18.45 11.42 10.39
CA HIS C 458 17.78 10.57 9.43
C HIS C 458 18.66 9.37 9.11
N GLY C 459 19.97 9.58 9.08
CA GLY C 459 20.87 8.49 8.79
C GLY C 459 20.65 7.39 9.79
N ALA C 460 20.61 7.76 11.07
CA ALA C 460 20.41 6.80 12.15
C ALA C 460 19.06 6.10 12.05
N ASN C 461 17.99 6.88 11.97
CA ASN C 461 16.69 6.29 11.85
C ASN C 461 16.72 5.13 10.90
N CYS C 462 17.32 5.39 9.74
CA CYS C 462 17.43 4.40 8.71
C CYS C 462 18.42 3.32 9.14
N ALA C 463 19.44 3.73 9.87
CA ALA C 463 20.48 2.82 10.40
C ALA C 463 19.90 1.89 11.44
N GLY C 464 18.59 2.03 11.67
CA GLY C 464 17.89 1.21 12.63
C GLY C 464 18.01 1.71 14.06
N VAL C 465 18.70 2.85 14.23
CA VAL C 465 18.95 3.49 15.53
C VAL C 465 17.82 4.47 15.89
N ASP C 466 16.69 3.94 16.33
CA ASP C 466 15.55 4.79 16.66
C ASP C 466 15.14 4.60 18.12
N LYS C 467 15.99 3.89 18.86
CA LYS C 467 15.75 3.62 20.27
C LYS C 467 16.80 4.31 21.15
N VAL C 468 16.77 5.64 21.18
CA VAL C 468 17.72 6.41 21.96
C VAL C 468 17.49 7.90 21.72
N PRO C 469 17.99 8.76 22.62
CA PRO C 469 17.77 10.19 22.41
C PRO C 469 18.60 10.74 21.26
N PHE C 470 18.08 11.77 20.63
CA PHE C 470 18.74 12.42 19.53
C PHE C 470 20.22 12.58 19.82
N PRO C 471 20.56 13.14 20.98
CA PRO C 471 21.99 13.30 21.25
C PRO C 471 22.81 12.05 21.02
N GLU C 472 22.24 10.89 21.30
CA GLU C 472 22.96 9.64 21.14
C GLU C 472 22.92 9.13 19.69
N ARG C 473 21.97 9.67 18.92
CA ARG C 473 21.81 9.31 17.51
C ARG C 473 22.91 10.02 16.71
N ILE C 474 23.01 11.33 16.93
CA ILE C 474 24.01 12.14 16.26
C ILE C 474 25.37 11.58 16.60
N LYS C 475 25.51 11.18 17.84
CA LYS C 475 26.76 10.62 18.30
C LYS C 475 27.04 9.45 17.37
N PHE C 476 26.10 8.52 17.31
CA PHE C 476 26.25 7.34 16.47
C PHE C 476 26.85 7.65 15.13
N ILE C 477 26.46 8.79 14.56
CA ILE C 477 26.96 9.20 13.25
C ILE C 477 28.44 9.52 13.30
N GLU C 478 28.79 10.55 14.05
CA GLU C 478 30.19 10.93 14.14
C GLU C 478 31.08 9.72 14.39
N GLU C 479 30.56 8.76 15.16
CA GLU C 479 31.32 7.55 15.51
C GLU C 479 31.66 6.64 14.31
N ASN C 480 30.73 6.57 13.36
CA ASN C 480 30.88 5.75 12.15
C ASN C 480 31.24 6.60 10.92
N HIS C 481 32.06 7.62 11.13
CA HIS C 481 32.43 8.49 10.04
C HIS C 481 33.25 7.77 8.96
N GLU C 482 34.46 7.33 9.32
CA GLU C 482 35.34 6.60 8.40
C GLU C 482 34.61 5.45 7.73
N ASN C 483 33.56 4.96 8.39
CA ASN C 483 32.74 3.87 7.88
C ASN C 483 32.07 4.33 6.59
N ILE C 484 32.02 5.65 6.37
CA ILE C 484 31.41 6.21 5.17
C ILE C 484 32.44 6.91 4.25
N MET C 485 33.65 7.06 4.77
CA MET C 485 34.74 7.70 4.04
C MET C 485 35.16 6.93 2.81
N ALA C 486 34.48 5.80 2.57
CA ALA C 486 34.80 4.98 1.44
C ALA C 486 33.52 4.39 0.88
N CYS C 487 32.47 4.42 1.68
CA CYS C 487 31.19 3.87 1.24
C CYS C 487 30.63 4.68 0.07
N ALA C 488 30.67 6.00 0.18
CA ALA C 488 30.16 6.85 -0.89
C ALA C 488 31.08 6.87 -2.13
N LYS C 489 32.37 6.54 -1.95
CA LYS C 489 33.32 6.51 -3.06
C LYS C 489 33.21 5.21 -3.84
N SER C 490 33.56 4.11 -3.19
CA SER C 490 33.49 2.82 -3.84
C SER C 490 32.52 1.94 -3.11
N PRO C 491 31.25 2.28 -3.18
CA PRO C 491 30.30 1.42 -2.48
C PRO C 491 30.43 -0.02 -2.96
N LEU C 492 30.66 -0.20 -4.25
CA LEU C 492 30.76 -1.55 -4.81
C LEU C 492 31.72 -2.42 -4.02
N GLU C 493 32.47 -1.77 -3.14
CA GLU C 493 33.46 -2.41 -2.29
C GLU C 493 33.05 -2.29 -0.82
N ASN C 494 32.54 -1.12 -0.45
CA ASN C 494 32.09 -0.83 0.91
C ASN C 494 30.74 -1.46 1.20
N THR C 495 30.76 -2.74 1.48
CA THR C 495 29.52 -3.45 1.74
C THR C 495 28.92 -3.19 3.12
N TRP C 496 29.22 -2.03 3.70
CA TRP C 496 28.71 -1.68 5.03
C TRP C 496 27.31 -1.01 4.98
N TRP C 497 27.13 -0.12 4.02
CA TRP C 497 25.87 0.58 3.88
C TRP C 497 24.73 -0.42 3.66
N ALA C 498 25.07 -1.62 3.21
CA ALA C 498 24.05 -2.62 2.96
C ALA C 498 23.98 -3.56 4.16
N GLU C 499 23.65 -2.98 5.31
CA GLU C 499 23.53 -3.75 6.54
C GLU C 499 22.43 -3.15 7.41
N GLN C 500 22.31 -1.82 7.38
CA GLN C 500 21.28 -1.11 8.16
C GLN C 500 19.88 -1.56 7.77
N ASP C 501 18.90 -1.35 8.66
CA ASP C 501 17.53 -1.78 8.39
C ASP C 501 17.03 -1.39 7.00
N SER C 502 17.47 -0.21 6.53
CA SER C 502 17.10 0.32 5.21
C SER C 502 18.38 0.81 4.49
N PRO C 503 19.14 -0.11 3.91
CA PRO C 503 20.37 0.28 3.21
C PRO C 503 20.21 1.33 2.12
N PHE C 504 19.26 1.12 1.23
CA PHE C 504 19.05 2.06 0.16
C PHE C 504 18.87 3.46 0.68
N CYS C 505 17.83 3.66 1.48
CA CYS C 505 17.55 4.95 2.05
C CYS C 505 18.78 5.52 2.78
N PHE C 506 19.54 4.63 3.40
CA PHE C 506 20.74 4.98 4.14
C PHE C 506 21.78 5.54 3.18
N LEU C 507 22.06 4.78 2.13
CA LEU C 507 22.99 5.18 1.12
C LEU C 507 22.71 6.59 0.67
N ALA C 508 21.51 6.81 0.20
CA ALA C 508 21.13 8.14 -0.21
C ALA C 508 21.81 9.13 0.74
N PHE C 509 21.65 8.91 2.04
CA PHE C 509 22.24 9.76 3.06
C PHE C 509 23.78 9.73 2.95
N CYS C 510 24.35 8.54 2.86
CA CYS C 510 25.79 8.43 2.74
C CYS C 510 26.30 9.28 1.62
N PHE C 511 25.46 9.50 0.61
CA PHE C 511 25.88 10.32 -0.51
C PHE C 511 25.71 11.79 -0.21
N GLU C 512 24.88 12.10 0.76
CA GLU C 512 24.69 13.50 1.12
C GLU C 512 25.71 13.85 2.18
N TYR C 513 25.68 13.14 3.30
CA TYR C 513 26.61 13.41 4.39
C TYR C 513 28.03 13.48 3.89
N ALA C 514 28.26 12.92 2.70
CA ALA C 514 29.60 12.93 2.13
C ALA C 514 29.89 14.25 1.47
N GLY C 515 28.96 14.69 0.63
CA GLY C 515 29.12 15.93 -0.09
C GLY C 515 28.96 17.15 0.78
N VAL C 516 28.13 17.02 1.80
CA VAL C 516 27.89 18.12 2.71
C VAL C 516 29.20 18.47 3.40
N GLN C 517 30.13 17.53 3.43
CA GLN C 517 31.42 17.76 4.07
C GLN C 517 32.48 18.20 3.05
N HIS C 518 32.13 18.07 1.77
CA HIS C 518 32.98 18.45 0.66
C HIS C 518 32.64 19.85 0.20
N HIS C 519 31.48 20.34 0.62
CA HIS C 519 31.04 21.67 0.22
C HIS C 519 30.78 22.56 1.43
N GLY C 520 30.43 21.96 2.56
CA GLY C 520 30.15 22.75 3.75
C GLY C 520 28.68 22.90 4.03
N LEU C 521 28.32 23.65 5.07
CA LEU C 521 26.92 23.84 5.41
C LEU C 521 26.21 24.63 4.33
N SER C 522 26.93 24.86 3.25
CA SER C 522 26.40 25.58 2.10
C SER C 522 25.83 24.56 1.11
N TYR C 523 26.27 23.30 1.26
CA TYR C 523 25.85 22.19 0.43
C TYR C 523 24.34 22.01 0.30
N ASN C 524 23.79 22.40 -0.84
CA ASN C 524 22.38 22.24 -1.09
C ASN C 524 22.01 20.78 -0.88
N CYS C 525 20.76 20.52 -0.54
CA CYS C 525 20.27 19.17 -0.33
C CYS C 525 18.78 19.03 -0.54
N SER C 526 18.42 18.07 -1.38
CA SER C 526 17.03 17.82 -1.72
C SER C 526 16.46 16.57 -1.08
N LEU C 527 17.35 15.74 -0.52
CA LEU C 527 16.96 14.50 0.14
C LEU C 527 15.89 14.71 1.20
N PRO C 528 14.77 13.99 1.09
CA PRO C 528 13.70 14.16 2.09
C PRO C 528 14.04 13.45 3.41
N LEU C 529 13.74 14.08 4.54
CA LEU C 529 14.01 13.44 5.82
C LEU C 529 12.70 12.92 6.39
N ALA C 530 12.70 11.61 6.68
CA ALA C 530 11.56 10.85 7.20
C ALA C 530 11.28 10.97 8.72
N PHE C 531 10.02 11.25 9.07
CA PHE C 531 9.61 11.35 10.47
C PHE C 531 8.41 10.46 10.74
N ASP C 532 8.62 9.39 11.50
CA ASP C 532 7.57 8.45 11.82
C ASP C 532 7.36 8.32 13.35
N GLY C 533 6.12 8.48 13.80
CA GLY C 533 5.81 8.38 15.22
C GLY C 533 6.23 7.05 15.84
N SER C 534 5.65 6.71 16.99
CA SER C 534 5.95 5.44 17.70
C SER C 534 4.89 4.37 17.42
N CYS C 535 3.64 4.80 17.31
CA CYS C 535 2.56 3.87 17.01
C CYS C 535 1.32 4.66 16.73
N SER C 536 1.18 5.07 15.46
CA SER C 536 0.04 5.84 15.00
C SER C 536 -1.25 5.25 15.53
N GLY C 537 -2.32 6.00 15.32
CA GLY C 537 -3.63 5.56 15.80
C GLY C 537 -3.60 5.54 17.30
N ILE C 538 -2.86 4.57 17.85
CA ILE C 538 -2.73 4.44 19.29
C ILE C 538 -2.30 5.82 19.83
N GLN C 539 -1.63 6.61 18.99
CA GLN C 539 -1.20 7.95 19.38
C GLN C 539 -2.40 8.88 19.39
N HIS C 540 -3.25 8.71 18.40
CA HIS C 540 -4.45 9.54 18.29
C HIS C 540 -5.46 9.24 19.36
N PHE C 541 -5.56 7.96 19.73
CA PHE C 541 -6.49 7.51 20.77
C PHE C 541 -6.15 8.16 22.10
N SER C 542 -4.88 8.03 22.45
CA SER C 542 -4.41 8.60 23.68
C SER C 542 -4.53 10.12 23.56
N ALA C 543 -4.90 10.60 22.38
CA ALA C 543 -5.01 12.04 22.16
C ALA C 543 -6.43 12.55 22.28
N MET C 544 -7.41 11.69 22.09
CA MET C 544 -8.78 12.14 22.16
C MET C 544 -9.39 11.89 23.53
N LEU C 545 -8.58 11.36 24.43
CA LEU C 545 -9.06 11.06 25.77
C LEU C 545 -7.97 11.35 26.80
N ARG C 546 -6.76 11.60 26.31
CA ARG C 546 -5.60 11.90 27.14
C ARG C 546 -5.24 10.77 28.10
N ASP C 547 -4.86 9.64 27.55
CA ASP C 547 -4.45 8.48 28.33
C ASP C 547 -3.07 8.83 28.89
N GLU C 548 -3.01 9.01 30.19
CA GLU C 548 -1.77 9.35 30.89
C GLU C 548 -0.58 8.47 30.48
N VAL C 549 -0.71 7.16 30.70
CA VAL C 549 0.33 6.19 30.36
C VAL C 549 0.31 5.87 28.87
N GLY C 550 -0.83 6.16 28.27
CA GLY C 550 -1.02 5.94 26.84
C GLY C 550 -0.02 6.75 26.05
N GLY C 551 -0.13 8.07 26.09
CA GLY C 551 0.81 8.90 25.35
C GLY C 551 2.25 8.67 25.79
N ARG C 552 2.42 8.33 27.06
CA ARG C 552 3.74 8.11 27.57
C ARG C 552 4.33 6.85 26.96
N ALA C 553 3.46 5.95 26.51
CA ALA C 553 3.91 4.72 25.89
C ALA C 553 4.18 4.95 24.41
N VAL C 554 3.31 5.71 23.76
CA VAL C 554 3.47 6.02 22.33
C VAL C 554 4.37 7.24 22.20
N ASN C 555 5.25 7.41 23.18
CA ASN C 555 6.22 8.50 23.24
C ASN C 555 5.60 9.89 23.05
N LEU C 556 4.28 9.92 22.96
CA LEU C 556 3.56 11.16 22.77
C LEU C 556 3.88 12.16 23.89
N LEU C 557 4.41 11.66 25.00
CA LEU C 557 4.79 12.54 26.10
C LEU C 557 6.24 13.01 25.99
N PRO C 558 6.55 14.21 26.53
CA PRO C 558 7.87 14.83 26.51
C PRO C 558 8.92 14.08 27.30
N SER C 559 8.78 12.76 27.31
CA SER C 559 9.70 11.87 28.00
C SER C 559 11.15 12.21 27.72
N GLU C 560 12.06 11.73 28.55
CA GLU C 560 13.48 12.01 28.37
C GLU C 560 14.14 10.79 27.73
N THR C 561 13.38 9.69 27.67
CA THR C 561 13.85 8.44 27.08
C THR C 561 12.87 7.89 26.06
N VAL C 562 13.39 7.02 25.17
CA VAL C 562 12.59 6.39 24.12
C VAL C 562 11.76 5.25 24.67
N GLN C 563 10.46 5.53 24.80
CA GLN C 563 9.48 4.58 25.32
C GLN C 563 8.99 3.62 24.24
N ASP C 564 9.61 2.43 24.21
CA ASP C 564 9.28 1.38 23.26
C ASP C 564 8.04 0.63 23.73
N ILE C 565 6.86 1.11 23.32
CA ILE C 565 5.61 0.48 23.70
C ILE C 565 5.71 -1.03 23.53
N TYR C 566 6.34 -1.48 22.45
CA TYR C 566 6.44 -2.92 22.26
C TYR C 566 7.29 -3.53 23.36
N GLY C 567 8.38 -2.86 23.72
CA GLY C 567 9.26 -3.38 24.73
C GLY C 567 8.71 -3.32 26.14
N ILE C 568 7.83 -2.38 26.41
CA ILE C 568 7.30 -2.32 27.76
C ILE C 568 6.47 -3.56 27.95
N VAL C 569 5.58 -3.83 27.03
CA VAL C 569 4.74 -4.99 27.20
C VAL C 569 5.53 -6.28 27.37
N ALA C 570 6.80 -6.25 27.01
CA ALA C 570 7.63 -7.45 27.12
C ALA C 570 7.93 -7.67 28.57
N LYS C 571 8.80 -6.85 29.11
CA LYS C 571 9.13 -6.95 30.52
C LYS C 571 7.78 -7.07 31.26
N LYS C 572 6.77 -6.29 30.87
CA LYS C 572 5.47 -6.34 31.56
C LYS C 572 4.88 -7.73 31.53
N VAL C 573 4.82 -8.32 30.33
CA VAL C 573 4.31 -9.68 30.22
C VAL C 573 5.35 -10.59 30.86
N ASN C 574 6.63 -10.30 30.62
CA ASN C 574 7.71 -11.07 31.22
C ASN C 574 7.46 -11.18 32.73
N GLU C 575 7.05 -10.07 33.38
CA GLU C 575 6.82 -10.05 34.82
C GLU C 575 5.84 -11.16 35.23
N ILE C 576 4.66 -11.11 34.63
CA ILE C 576 3.63 -12.10 34.90
C ILE C 576 4.17 -13.50 34.58
N LEU C 577 5.16 -13.59 33.70
CA LEU C 577 5.75 -14.89 33.33
C LEU C 577 6.46 -15.55 34.48
N GLN C 578 7.09 -14.74 35.33
CA GLN C 578 7.79 -15.25 36.50
C GLN C 578 6.80 -15.67 37.56
N ALA C 579 5.65 -14.99 37.56
CA ALA C 579 4.59 -15.29 38.51
C ALA C 579 4.21 -16.76 38.29
N ASP C 580 3.58 -17.03 37.16
CA ASP C 580 3.14 -18.38 36.78
C ASP C 580 4.31 -19.36 36.69
N ALA C 581 5.52 -18.84 36.83
CA ALA C 581 6.72 -19.65 36.77
C ALA C 581 7.05 -20.14 38.16
N ILE C 582 6.31 -19.64 39.14
CA ILE C 582 6.53 -20.02 40.54
C ILE C 582 5.32 -20.80 41.08
N ASN C 583 4.12 -20.35 40.75
CA ASN C 583 2.91 -20.99 41.22
C ASN C 583 1.92 -21.22 40.07
N GLY C 584 1.17 -20.17 39.73
CA GLY C 584 0.20 -20.28 38.65
C GLY C 584 -0.74 -21.44 38.83
N THR C 585 -0.48 -22.53 38.12
CA THR C 585 -1.34 -23.69 38.23
C THR C 585 -0.49 -24.94 38.24
N ASP C 586 -0.82 -25.88 37.36
CA ASP C 586 -0.09 -27.14 37.23
C ASP C 586 -0.54 -28.00 36.05
N ASN C 587 0.31 -28.93 35.62
CA ASN C 587 0.02 -29.85 34.51
C ASN C 587 -1.31 -30.57 34.72
N GLU C 588 -2.39 -29.99 34.20
CA GLU C 588 -3.71 -30.57 34.36
C GLU C 588 -3.75 -32.02 33.86
N VAL C 589 -4.80 -32.74 34.27
CA VAL C 589 -4.97 -34.15 33.90
C VAL C 589 -5.06 -34.38 32.38
N VAL C 590 -4.59 -35.54 31.96
CA VAL C 590 -4.60 -35.90 30.54
C VAL C 590 -6.03 -36.17 30.04
N THR C 591 -6.17 -37.15 29.17
CA THR C 591 -7.47 -37.52 28.62
C THR C 591 -7.52 -39.02 28.35
N VAL C 592 -7.05 -39.80 29.34
CA VAL C 592 -7.02 -41.26 29.24
C VAL C 592 -8.27 -41.94 29.81
N THR C 593 -8.26 -42.25 31.10
CA THR C 593 -9.38 -42.91 31.78
C THR C 593 -10.72 -42.22 31.60
N ASP C 594 -11.42 -42.57 30.53
CA ASP C 594 -12.73 -41.97 30.24
C ASP C 594 -13.74 -43.06 29.91
N GLU C 595 -14.78 -42.69 29.16
CA GLU C 595 -15.83 -43.61 28.73
C GLU C 595 -15.37 -44.36 27.47
N ASN C 596 -15.49 -43.70 26.30
CA ASN C 596 -15.08 -44.28 25.01
C ASN C 596 -14.25 -43.33 24.14
N THR C 597 -13.22 -42.71 24.72
CA THR C 597 -12.33 -41.79 24.00
C THR C 597 -13.18 -40.81 23.16
N GLY C 598 -13.99 -40.00 23.83
CA GLY C 598 -14.83 -39.03 23.14
C GLY C 598 -14.00 -37.95 22.47
N GLU C 599 -12.99 -37.45 23.18
CA GLU C 599 -12.10 -36.42 22.68
C GLU C 599 -10.66 -36.73 23.10
N ILE C 600 -9.83 -37.09 22.11
CA ILE C 600 -8.43 -37.46 22.33
C ILE C 600 -7.45 -36.36 21.85
N SER C 601 -7.98 -35.17 21.57
CA SER C 601 -7.16 -34.04 21.13
C SER C 601 -6.44 -33.41 22.32
N GLU C 602 -5.11 -33.51 22.31
CA GLU C 602 -4.25 -32.98 23.39
C GLU C 602 -4.53 -33.68 24.73
N LYS C 603 -3.75 -34.72 25.04
CA LYS C 603 -3.94 -35.45 26.30
C LYS C 603 -3.23 -34.76 27.45
N VAL C 604 -3.38 -33.44 27.51
CA VAL C 604 -2.76 -32.64 28.57
C VAL C 604 -3.01 -31.15 28.34
N LYS C 605 -3.86 -30.55 29.17
CA LYS C 605 -4.17 -29.14 29.04
C LYS C 605 -3.05 -28.34 29.69
N LEU C 606 -2.08 -29.06 30.25
CA LEU C 606 -0.92 -28.45 30.88
C LEU C 606 -1.37 -27.37 31.85
N GLY C 607 -0.48 -26.44 32.16
CA GLY C 607 -0.81 -25.37 33.09
C GLY C 607 0.11 -24.18 33.01
N THR C 608 -0.39 -23.01 33.41
CA THR C 608 0.40 -21.78 33.38
C THR C 608 1.70 -21.89 34.17
N LYS C 609 1.77 -22.90 35.04
CA LYS C 609 2.94 -23.15 35.87
C LYS C 609 4.17 -23.57 35.06
N ALA C 610 3.95 -24.46 34.10
CA ALA C 610 5.02 -24.98 33.25
C ALA C 610 5.11 -24.22 31.94
N LEU C 611 4.05 -23.50 31.62
CA LEU C 611 4.00 -22.72 30.39
C LEU C 611 5.06 -21.61 30.47
N ALA C 612 5.00 -20.80 31.51
CA ALA C 612 5.98 -19.74 31.62
C ALA C 612 7.37 -20.32 31.51
N GLY C 613 7.56 -21.53 32.03
CA GLY C 613 8.88 -22.17 31.97
C GLY C 613 9.38 -22.45 30.58
N GLN C 614 8.48 -22.47 29.61
CA GLN C 614 8.85 -22.72 28.22
C GLN C 614 9.22 -21.37 27.62
N TRP C 615 8.37 -20.38 27.85
CA TRP C 615 8.62 -19.05 27.33
C TRP C 615 9.93 -18.49 27.86
N LEU C 616 10.16 -18.67 29.14
CA LEU C 616 11.39 -18.16 29.73
C LEU C 616 12.57 -18.88 29.12
N ALA C 617 12.29 -19.95 28.39
CA ALA C 617 13.35 -20.73 27.76
C ALA C 617 13.61 -20.27 26.33
N TYR C 618 12.65 -19.51 25.78
CA TYR C 618 12.75 -18.95 24.44
C TYR C 618 13.34 -17.54 24.45
N GLY C 619 13.08 -16.81 25.53
CA GLY C 619 13.60 -15.46 25.68
C GLY C 619 12.55 -14.39 25.91
N VAL C 620 11.68 -14.28 24.92
CA VAL C 620 10.61 -13.30 24.98
C VAL C 620 11.16 -11.89 25.18
N THR C 621 11.17 -11.15 24.07
CA THR C 621 11.63 -9.78 24.04
C THR C 621 10.56 -8.93 23.34
N ARG C 622 10.96 -7.77 22.81
CA ARG C 622 10.05 -6.85 22.12
C ARG C 622 9.50 -7.54 20.89
N SER C 623 10.32 -8.46 20.37
CA SER C 623 9.99 -9.24 19.17
C SER C 623 8.58 -9.78 19.24
N VAL C 624 8.40 -10.77 20.08
CA VAL C 624 7.12 -11.46 20.27
C VAL C 624 5.95 -10.50 20.49
N THR C 625 6.13 -9.57 21.43
CA THR C 625 5.11 -8.59 21.77
C THR C 625 5.19 -7.44 20.82
N LYS C 626 5.18 -7.72 19.53
CA LYS C 626 5.27 -6.67 18.54
C LYS C 626 3.96 -6.53 17.79
N ARG C 627 3.82 -7.29 16.72
CA ARG C 627 2.64 -7.23 15.87
C ARG C 627 1.37 -7.15 16.67
N SER C 628 1.25 -8.03 17.65
CA SER C 628 0.07 -8.08 18.46
C SER C 628 -0.29 -6.74 19.03
N VAL C 629 0.68 -5.85 19.06
CA VAL C 629 0.46 -4.52 19.63
C VAL C 629 -0.23 -3.54 18.72
N MET C 630 0.44 -3.24 17.61
CA MET C 630 -0.06 -2.31 16.62
C MET C 630 -1.41 -2.76 16.15
N THR C 631 -1.44 -4.04 15.79
CA THR C 631 -2.63 -4.71 15.30
C THR C 631 -3.82 -4.34 16.14
N LEU C 632 -3.54 -3.99 17.39
CA LEU C 632 -4.59 -3.62 18.29
C LEU C 632 -5.38 -2.45 17.71
N ALA C 633 -4.72 -1.64 16.91
CA ALA C 633 -5.39 -0.50 16.32
C ALA C 633 -6.34 -0.94 15.21
N TYR C 634 -6.23 -2.22 14.81
CA TYR C 634 -7.07 -2.80 13.76
C TYR C 634 -8.10 -3.76 14.29
N GLY C 635 -7.93 -4.15 15.55
CA GLY C 635 -8.86 -5.09 16.17
C GLY C 635 -8.24 -6.43 16.54
N SER C 636 -7.11 -6.38 17.26
CA SER C 636 -6.42 -7.60 17.68
C SER C 636 -6.60 -7.85 19.18
N LYS C 637 -7.22 -8.98 19.49
CA LYS C 637 -7.49 -9.40 20.85
C LYS C 637 -6.62 -10.61 21.20
N GLU C 638 -6.90 -11.24 22.32
CA GLU C 638 -6.16 -12.42 22.77
C GLU C 638 -6.42 -13.60 21.83
N PHE C 639 -7.59 -13.60 21.18
CA PHE C 639 -7.98 -14.66 20.25
C PHE C 639 -7.04 -14.61 19.07
N GLY C 640 -6.86 -13.40 18.57
CA GLY C 640 -6.01 -13.16 17.41
C GLY C 640 -4.53 -13.37 17.65
N PHE C 641 -4.05 -12.95 18.81
CA PHE C 641 -2.63 -13.08 19.12
C PHE C 641 -2.11 -14.49 18.98
N ARG C 642 -2.98 -15.47 19.26
CA ARG C 642 -2.63 -16.91 19.19
C ARG C 642 -1.95 -17.23 17.86
N GLN C 643 -2.66 -16.98 16.76
CA GLN C 643 -2.11 -17.23 15.46
C GLN C 643 -0.83 -16.43 15.22
N GLN C 644 -0.87 -15.14 15.53
CA GLN C 644 0.29 -14.24 15.35
C GLN C 644 1.52 -14.75 16.07
N VAL C 645 1.43 -14.81 17.39
CA VAL C 645 2.53 -15.27 18.21
C VAL C 645 3.02 -16.63 17.73
N LEU C 646 2.09 -17.40 17.16
CA LEU C 646 2.43 -18.72 16.65
C LEU C 646 3.30 -18.61 15.40
N GLU C 647 2.69 -18.26 14.28
CA GLU C 647 3.41 -18.14 13.02
C GLU C 647 4.54 -17.12 13.03
N ASP C 648 4.40 -16.10 13.87
CA ASP C 648 5.40 -15.04 13.96
C ASP C 648 6.65 -15.43 14.75
N THR C 649 6.48 -16.22 15.80
CA THR C 649 7.62 -16.64 16.64
C THR C 649 7.68 -18.11 17.06
N ILE C 650 6.53 -18.69 17.39
CA ILE C 650 6.51 -20.09 17.81
C ILE C 650 6.65 -21.03 16.61
N GLN C 651 5.61 -21.04 15.79
CA GLN C 651 5.52 -21.87 14.60
C GLN C 651 6.81 -21.94 13.79
N PRO C 652 7.42 -20.78 13.49
CA PRO C 652 8.67 -20.80 12.72
C PRO C 652 9.81 -21.36 13.54
N ALA C 653 9.90 -20.92 14.79
CA ALA C 653 10.95 -21.38 15.68
C ALA C 653 11.15 -22.88 15.57
N ILE C 654 10.07 -23.63 15.78
CA ILE C 654 10.17 -25.08 15.71
C ILE C 654 10.48 -25.53 14.31
N ASP C 655 10.14 -24.70 13.34
CA ASP C 655 10.38 -25.02 11.95
C ASP C 655 11.74 -24.57 11.53
N SER C 656 12.68 -24.60 12.47
CA SER C 656 14.05 -24.20 12.21
C SER C 656 14.94 -25.05 13.07
N GLY C 657 14.33 -25.94 13.86
CA GLY C 657 15.09 -26.80 14.74
C GLY C 657 14.98 -26.40 16.21
N LYS C 658 14.88 -25.09 16.46
CA LYS C 658 14.76 -24.57 17.81
C LYS C 658 13.32 -24.81 18.26
N GLY C 659 12.95 -24.32 19.44
CA GLY C 659 11.61 -24.51 19.93
C GLY C 659 11.40 -25.95 20.35
N LEU C 660 12.50 -26.59 20.74
CA LEU C 660 12.47 -27.98 21.17
C LEU C 660 11.71 -28.20 22.46
N MET C 661 11.36 -27.10 23.14
CA MET C 661 10.63 -27.15 24.41
C MET C 661 9.11 -27.08 24.23
N PHE C 662 8.68 -26.33 23.23
CA PHE C 662 7.27 -26.18 22.94
C PHE C 662 6.67 -27.54 22.56
N THR C 663 6.27 -28.31 23.56
CA THR C 663 5.71 -29.61 23.27
C THR C 663 4.29 -29.43 22.68
N GLN C 664 3.49 -28.60 23.34
CA GLN C 664 2.11 -28.32 22.91
C GLN C 664 2.03 -26.83 22.57
N PRO C 665 2.40 -26.48 21.33
CA PRO C 665 2.41 -25.12 20.79
C PRO C 665 1.17 -24.28 20.92
N ASN C 666 0.08 -24.73 20.29
CA ASN C 666 -1.17 -24.02 20.29
C ASN C 666 -1.54 -23.50 21.68
N GLN C 667 -1.32 -24.33 22.70
CA GLN C 667 -1.62 -23.95 24.09
C GLN C 667 -0.75 -22.77 24.54
N ALA C 668 0.56 -22.89 24.32
CA ALA C 668 1.51 -21.86 24.67
C ALA C 668 1.10 -20.59 23.93
N ALA C 669 0.63 -20.76 22.71
CA ALA C 669 0.18 -19.63 21.95
C ALA C 669 -1.00 -18.94 22.65
N GLY C 670 -1.87 -19.75 23.27
CA GLY C 670 -3.02 -19.19 23.98
C GLY C 670 -2.61 -18.56 25.30
N TYR C 671 -1.44 -18.97 25.78
CA TYR C 671 -0.87 -18.47 27.01
C TYR C 671 -0.36 -17.04 26.86
N MET C 672 0.58 -16.85 25.93
CA MET C 672 1.16 -15.53 25.70
C MET C 672 0.12 -14.50 25.33
N ALA C 673 -0.71 -14.83 24.34
CA ALA C 673 -1.79 -13.95 23.91
C ALA C 673 -2.46 -13.48 25.16
N LYS C 674 -2.84 -14.44 26.00
CA LYS C 674 -3.48 -14.13 27.25
C LYS C 674 -2.70 -13.05 27.97
N LEU C 675 -1.43 -13.32 28.26
CA LEU C 675 -0.52 -12.38 28.94
C LEU C 675 -0.51 -11.05 28.23
N ILE C 676 -0.27 -11.15 26.94
CA ILE C 676 -0.21 -10.00 26.07
C ILE C 676 -1.44 -9.12 26.26
N TRP C 677 -2.57 -9.54 25.72
CA TRP C 677 -3.80 -8.76 25.82
C TRP C 677 -3.94 -8.06 27.15
N GLU C 678 -3.51 -8.73 28.22
CA GLU C 678 -3.58 -8.13 29.55
C GLU C 678 -2.65 -6.92 29.60
N SER C 679 -1.36 -7.18 29.56
CA SER C 679 -0.35 -6.12 29.62
C SER C 679 -0.75 -4.80 28.94
N VAL C 680 -1.32 -4.89 27.75
CA VAL C 680 -1.71 -3.70 27.03
C VAL C 680 -3.07 -3.16 27.45
N SER C 681 -4.04 -4.04 27.67
CA SER C 681 -5.37 -3.59 28.08
C SER C 681 -5.36 -2.49 29.14
N VAL C 682 -4.37 -2.51 30.02
CA VAL C 682 -4.28 -1.54 31.11
C VAL C 682 -3.37 -0.38 30.78
N THR C 683 -2.51 -0.60 29.79
CA THR C 683 -1.57 0.42 29.37
C THR C 683 -2.30 1.43 28.51
N VAL C 684 -2.42 1.12 27.23
CA VAL C 684 -3.10 1.97 26.29
C VAL C 684 -4.60 2.00 26.57
N VAL C 685 -4.95 1.86 27.83
CA VAL C 685 -6.35 1.85 28.25
C VAL C 685 -7.33 2.69 27.43
N ALA C 686 -6.88 3.82 26.90
CA ALA C 686 -7.73 4.70 26.11
C ALA C 686 -8.07 4.08 24.77
N ALA C 687 -7.05 3.56 24.12
CA ALA C 687 -7.21 2.92 22.83
C ALA C 687 -8.33 1.90 22.88
N VAL C 688 -8.12 0.86 23.68
CA VAL C 688 -9.07 -0.24 23.82
C VAL C 688 -10.47 0.26 24.15
N GLU C 689 -10.56 0.96 25.28
CA GLU C 689 -11.83 1.50 25.75
C GLU C 689 -12.51 2.24 24.63
N ALA C 690 -11.72 3.03 23.91
CA ALA C 690 -12.26 3.80 22.80
C ALA C 690 -12.82 2.84 21.75
N MET C 691 -11.99 1.91 21.29
CA MET C 691 -12.40 0.98 20.27
C MET C 691 -13.63 0.18 20.70
N ASN C 692 -13.60 -0.38 21.90
CA ASN C 692 -14.74 -1.15 22.39
C ASN C 692 -15.97 -0.28 22.36
N TRP C 693 -15.79 1.00 22.69
CA TRP C 693 -16.86 1.96 22.67
C TRP C 693 -17.36 2.01 21.24
N LEU C 694 -16.46 2.33 20.32
CA LEU C 694 -16.83 2.42 18.92
C LEU C 694 -17.45 1.11 18.47
N LYS C 695 -16.71 0.03 18.70
CA LYS C 695 -17.15 -1.30 18.30
C LYS C 695 -18.52 -1.60 18.89
N SER C 696 -18.91 -0.80 19.87
CA SER C 696 -20.19 -0.99 20.51
C SER C 696 -21.26 -0.16 19.79
N ALA C 697 -20.90 1.05 19.36
CA ALA C 697 -21.83 1.94 18.66
C ALA C 697 -22.42 1.30 17.41
N ALA C 698 -21.53 0.88 16.51
CA ALA C 698 -21.92 0.25 15.26
C ALA C 698 -23.06 -0.73 15.48
N LYS C 699 -22.72 -1.88 16.04
CA LYS C 699 -23.68 -2.93 16.30
C LYS C 699 -25.10 -2.42 16.36
N LEU C 700 -25.54 -2.03 17.54
CA LEU C 700 -26.91 -1.55 17.69
C LEU C 700 -27.25 -0.38 16.80
N LEU C 701 -26.31 0.04 15.97
CA LEU C 701 -26.60 1.15 15.11
C LEU C 701 -26.54 0.65 13.68
N ALA C 702 -25.97 -0.51 13.50
CA ALA C 702 -25.84 -1.08 12.18
C ALA C 702 -26.96 -2.04 11.92
N ALA C 703 -27.15 -2.98 12.83
CA ALA C 703 -28.20 -3.97 12.69
C ALA C 703 -29.56 -3.30 12.64
N GLU C 704 -30.40 -3.78 11.73
CA GLU C 704 -31.73 -3.23 11.56
C GLU C 704 -32.58 -3.41 12.81
N VAL C 705 -33.81 -2.93 12.74
CA VAL C 705 -34.74 -3.04 13.84
C VAL C 705 -36.05 -3.66 13.36
N LYS C 706 -36.80 -4.25 14.28
CA LYS C 706 -38.05 -4.87 13.88
C LYS C 706 -39.26 -4.24 14.55
N ASP C 707 -39.89 -5.01 15.44
CA ASP C 707 -41.07 -4.57 16.17
C ASP C 707 -41.52 -5.62 17.18
N LYS C 708 -42.37 -5.22 18.12
CA LYS C 708 -42.90 -6.13 19.12
C LYS C 708 -43.39 -7.32 18.31
N LYS C 709 -42.57 -8.37 18.23
CA LYS C 709 -42.95 -9.54 17.47
C LYS C 709 -43.60 -9.14 16.14
N THR C 710 -44.54 -9.95 15.67
CA THR C 710 -45.26 -9.73 14.42
C THR C 710 -44.30 -9.85 13.22
N GLY C 711 -43.41 -8.86 13.06
CA GLY C 711 -42.45 -8.90 11.97
C GLY C 711 -42.12 -7.52 11.41
N GLU C 712 -43.07 -6.61 11.55
CA GLU C 712 -42.92 -5.24 11.06
C GLU C 712 -41.55 -4.67 11.39
N ILE C 713 -41.12 -3.67 10.64
CA ILE C 713 -39.82 -3.06 10.90
C ILE C 713 -39.89 -1.58 10.61
N LEU C 714 -38.83 -0.84 10.94
CA LEU C 714 -38.77 0.60 10.70
C LEU C 714 -37.44 1.01 10.12
N ARG C 715 -36.54 1.45 11.01
CA ARG C 715 -35.20 1.89 10.60
C ARG C 715 -34.47 0.83 9.78
N LYS C 716 -33.96 1.24 8.62
CA LYS C 716 -33.21 0.35 7.72
C LYS C 716 -31.72 0.48 8.04
N ARG C 717 -31.01 -0.65 8.11
CA ARG C 717 -29.59 -0.66 8.44
C ARG C 717 -28.82 0.50 7.80
N CYS C 718 -28.83 1.66 8.46
CA CYS C 718 -28.14 2.82 7.91
C CYS C 718 -26.64 2.54 7.74
N ALA C 719 -26.04 3.20 6.76
CA ALA C 719 -24.62 3.05 6.47
C ALA C 719 -23.85 4.02 7.34
N VAL C 720 -22.77 3.57 7.95
CA VAL C 720 -21.96 4.44 8.80
C VAL C 720 -21.68 5.76 8.12
N HIS C 721 -21.86 6.85 8.86
CA HIS C 721 -21.64 8.18 8.32
C HIS C 721 -21.15 9.14 9.39
N TRP C 722 -20.04 9.81 9.11
CA TRP C 722 -19.49 10.80 10.04
C TRP C 722 -18.58 11.75 9.27
N VAL C 723 -18.00 12.73 9.94
CA VAL C 723 -17.11 13.68 9.27
C VAL C 723 -15.74 13.81 9.95
N THR C 724 -14.68 13.88 9.15
CA THR C 724 -13.31 14.02 9.66
C THR C 724 -13.03 15.52 9.99
N PRO C 725 -11.99 15.80 10.78
CA PRO C 725 -11.57 17.16 11.19
C PRO C 725 -11.50 18.18 10.05
N ASP C 726 -10.60 17.93 9.09
CA ASP C 726 -10.44 18.79 7.94
C ASP C 726 -11.73 18.94 7.16
N GLY C 727 -12.69 18.03 7.36
CA GLY C 727 -13.95 18.17 6.65
C GLY C 727 -14.30 17.05 5.69
N PHE C 728 -13.39 16.10 5.55
CA PHE C 728 -13.57 14.96 4.65
C PHE C 728 -14.60 13.97 5.12
N PRO C 729 -15.76 13.99 4.48
CA PRO C 729 -16.81 13.06 4.88
C PRO C 729 -16.39 11.62 4.60
N VAL C 730 -17.21 10.68 5.07
CA VAL C 730 -16.94 9.27 4.87
C VAL C 730 -18.08 8.35 5.34
N TRP C 731 -18.26 7.25 4.62
CA TRP C 731 -19.30 6.25 4.87
C TRP C 731 -18.65 4.88 4.88
N GLN C 732 -19.13 3.96 5.72
CA GLN C 732 -18.54 2.63 5.77
C GLN C 732 -19.22 1.73 4.76
N GLU C 733 -20.54 1.88 4.66
CA GLU C 733 -21.34 1.11 3.70
C GLU C 733 -20.77 -0.26 3.37
N TYR C 734 -20.33 -0.99 4.38
CA TYR C 734 -19.75 -2.30 4.14
C TYR C 734 -20.79 -3.32 3.70
N LYS C 735 -21.36 -3.09 2.52
CA LYS C 735 -22.37 -3.99 1.97
C LYS C 735 -21.87 -5.43 1.82
N LYS C 736 -22.81 -6.35 1.62
CA LYS C 736 -22.52 -7.78 1.44
C LYS C 736 -22.68 -8.18 -0.02
N PRO C 737 -21.59 -8.66 -0.62
CA PRO C 737 -21.60 -9.08 -2.01
C PRO C 737 -22.45 -10.29 -2.32
N ILE C 738 -22.97 -10.32 -3.54
CA ILE C 738 -23.76 -11.46 -3.96
C ILE C 738 -23.05 -12.12 -5.12
N GLN C 739 -22.22 -13.10 -4.81
CA GLN C 739 -21.43 -13.80 -5.82
C GLN C 739 -22.13 -14.90 -6.63
N THR C 740 -21.46 -15.32 -7.69
CA THR C 740 -21.97 -16.37 -8.56
C THR C 740 -20.77 -16.91 -9.34
N ARG C 741 -21.03 -17.80 -10.28
CA ARG C 741 -19.95 -18.38 -11.07
C ARG C 741 -20.28 -18.34 -12.55
N LEU C 742 -19.22 -18.52 -13.35
CA LEU C 742 -19.33 -18.52 -14.80
C LEU C 742 -18.85 -19.84 -15.33
N ASN C 743 -19.06 -20.01 -16.62
CA ASN C 743 -18.67 -21.25 -17.24
C ASN C 743 -17.78 -20.90 -18.41
N LEU C 744 -16.52 -21.30 -18.33
CA LEU C 744 -15.61 -20.93 -19.41
C LEU C 744 -14.72 -22.07 -19.83
N MET C 745 -14.94 -22.58 -21.03
CA MET C 745 -14.13 -23.67 -21.56
C MET C 745 -12.72 -23.13 -21.89
N PHE C 746 -11.96 -22.89 -20.82
CA PHE C 746 -10.63 -22.35 -20.92
C PHE C 746 -9.63 -23.19 -21.72
N LEU C 747 -9.23 -22.69 -22.88
CA LEU C 747 -8.24 -23.40 -23.67
C LEU C 747 -8.70 -24.76 -24.18
N GLY C 748 -9.99 -24.89 -24.47
CA GLY C 748 -10.50 -26.16 -24.96
C GLY C 748 -10.06 -27.39 -24.17
N GLN C 749 -9.64 -27.18 -22.93
CA GLN C 749 -9.20 -28.25 -22.02
C GLN C 749 -10.28 -28.63 -21.02
N PHE C 750 -10.52 -27.76 -20.04
CA PHE C 750 -11.52 -28.01 -19.01
C PHE C 750 -12.55 -26.89 -19.01
N ARG C 751 -13.26 -26.70 -17.89
CA ARG C 751 -14.24 -25.63 -17.77
C ARG C 751 -13.92 -24.85 -16.51
N LEU C 752 -13.52 -23.61 -16.70
CA LEU C 752 -13.17 -22.78 -15.56
C LEU C 752 -14.40 -22.05 -15.07
N GLN C 753 -14.90 -22.45 -13.92
CA GLN C 753 -16.06 -21.78 -13.36
C GLN C 753 -15.58 -20.84 -12.27
N PRO C 754 -15.48 -19.54 -12.58
CA PRO C 754 -15.03 -18.54 -11.61
C PRO C 754 -16.14 -18.11 -10.64
N THR C 755 -15.77 -18.04 -9.37
CA THR C 755 -16.64 -17.63 -8.29
C THR C 755 -16.31 -16.15 -8.15
N ILE C 756 -17.22 -15.30 -8.56
CA ILE C 756 -16.96 -13.88 -8.47
C ILE C 756 -18.07 -13.08 -7.82
N ASN C 757 -17.68 -12.00 -7.16
CA ASN C 757 -18.63 -11.11 -6.51
C ASN C 757 -19.24 -10.13 -7.49
N THR C 758 -20.54 -9.93 -7.42
CA THR C 758 -21.25 -9.02 -8.30
C THR C 758 -21.35 -7.58 -7.77
N ASN C 759 -20.66 -6.67 -8.47
CA ASN C 759 -20.61 -5.25 -8.12
C ASN C 759 -21.95 -4.54 -8.30
N LYS C 760 -23.04 -5.21 -7.93
CA LYS C 760 -24.35 -4.60 -8.02
C LYS C 760 -25.20 -5.08 -6.85
N ASP C 761 -24.55 -5.39 -5.74
CA ASP C 761 -25.27 -5.85 -4.56
C ASP C 761 -25.93 -4.65 -3.92
N SER C 762 -26.49 -4.86 -2.74
CA SER C 762 -27.15 -3.77 -2.04
C SER C 762 -27.16 -4.07 -0.56
N GLU C 763 -27.15 -5.36 -0.22
CA GLU C 763 -27.17 -5.78 1.18
C GLU C 763 -25.91 -5.32 1.91
N ILE C 764 -25.94 -5.34 3.24
CA ILE C 764 -24.81 -4.91 4.05
C ILE C 764 -24.37 -5.92 5.12
N ASP C 765 -23.06 -6.03 5.33
CA ASP C 765 -22.51 -6.95 6.32
C ASP C 765 -22.18 -6.26 7.64
N ALA C 766 -23.12 -6.34 8.57
CA ALA C 766 -22.99 -5.73 9.90
C ALA C 766 -21.70 -6.14 10.57
N HIS C 767 -21.66 -7.39 11.03
CA HIS C 767 -20.48 -7.96 11.68
C HIS C 767 -19.20 -7.20 11.34
N LYS C 768 -18.81 -7.27 10.07
CA LYS C 768 -17.61 -6.60 9.62
C LYS C 768 -17.79 -5.12 9.87
N GLN C 769 -18.86 -4.56 9.32
CA GLN C 769 -19.17 -3.14 9.48
C GLN C 769 -18.84 -2.73 10.92
N GLU C 770 -18.92 -3.68 11.83
CA GLU C 770 -18.65 -3.42 13.24
C GLU C 770 -17.17 -3.47 13.53
N SER C 771 -16.61 -4.68 13.41
CA SER C 771 -15.21 -4.85 13.70
C SER C 771 -14.38 -3.87 12.92
N GLY C 772 -15.00 -3.12 12.01
CA GLY C 772 -14.24 -2.17 11.23
C GLY C 772 -14.45 -0.71 11.53
N ILE C 773 -15.59 -0.39 12.10
CA ILE C 773 -15.89 1.00 12.42
C ILE C 773 -14.80 1.63 13.28
N ALA C 774 -14.28 0.84 14.20
CA ALA C 774 -13.27 1.35 15.08
C ALA C 774 -11.94 1.54 14.39
N PRO C 775 -11.30 0.44 13.97
CA PRO C 775 -9.99 0.50 13.30
C PRO C 775 -9.88 1.47 12.11
N ASN C 776 -11.01 1.74 11.46
CA ASN C 776 -11.01 2.65 10.34
C ASN C 776 -10.94 4.10 10.81
N PHE C 777 -11.83 4.43 11.75
CA PHE C 777 -11.88 5.76 12.31
C PHE C 777 -10.48 6.24 12.71
N VAL C 778 -9.59 5.28 13.03
CA VAL C 778 -8.20 5.52 13.41
C VAL C 778 -7.43 6.18 12.28
N HIS C 779 -7.28 5.41 11.20
CA HIS C 779 -6.57 5.87 10.03
C HIS C 779 -7.27 7.14 9.60
N SER C 780 -8.60 7.08 9.54
CA SER C 780 -9.37 8.27 9.16
C SER C 780 -8.80 9.52 9.81
N GLN C 781 -8.29 9.35 11.01
CA GLN C 781 -7.69 10.44 11.75
C GLN C 781 -6.23 10.63 11.41
N ASP C 782 -5.41 9.62 11.72
CA ASP C 782 -3.99 9.75 11.43
C ASP C 782 -3.75 9.96 9.95
N GLY C 783 -4.84 9.97 9.19
CA GLY C 783 -4.75 10.20 7.76
C GLY C 783 -5.36 11.55 7.45
N SER C 784 -6.12 12.07 8.41
CA SER C 784 -6.76 13.37 8.27
C SER C 784 -5.80 14.38 8.93
N HIS C 785 -5.26 14.03 10.10
CA HIS C 785 -4.28 14.89 10.79
C HIS C 785 -3.24 15.29 9.75
N LEU C 786 -2.82 14.32 8.95
CA LEU C 786 -1.82 14.52 7.91
C LEU C 786 -2.17 15.61 6.94
N ARG C 787 -3.36 15.53 6.37
CA ARG C 787 -3.74 16.57 5.44
C ARG C 787 -3.54 17.91 6.13
N LYS C 788 -4.36 18.20 7.11
CA LYS C 788 -4.25 19.46 7.82
C LYS C 788 -2.81 19.77 8.01
N THR C 789 -2.02 18.76 8.34
CA THR C 789 -0.61 19.00 8.56
C THR C 789 0.00 19.70 7.38
N VAL C 790 0.17 18.97 6.29
CA VAL C 790 0.78 19.53 5.10
C VAL C 790 0.23 20.91 4.75
N VAL C 791 -1.09 21.08 4.86
CA VAL C 791 -1.68 22.36 4.53
C VAL C 791 -1.11 23.46 5.42
N TRP C 792 -1.34 23.34 6.71
CA TRP C 792 -0.86 24.30 7.67
C TRP C 792 0.62 24.54 7.41
N ALA C 793 1.37 23.46 7.32
CA ALA C 793 2.80 23.55 7.08
C ALA C 793 3.12 24.28 5.80
N HIS C 794 2.17 24.30 4.88
CA HIS C 794 2.36 24.96 3.59
C HIS C 794 2.31 26.46 3.81
N GLU C 795 1.22 26.92 4.39
CA GLU C 795 1.04 28.36 4.60
C GLU C 795 1.77 28.91 5.81
N LYS C 796 1.97 28.07 6.82
CA LYS C 796 2.63 28.49 8.03
C LYS C 796 4.12 28.73 7.83
N TYR C 797 4.83 27.69 7.38
CA TYR C 797 6.28 27.77 7.16
C TYR C 797 6.63 27.66 5.68
N GLY C 798 5.67 28.05 4.84
CA GLY C 798 5.85 28.00 3.41
C GLY C 798 6.58 26.77 2.94
N ILE C 799 5.94 25.61 3.08
CA ILE C 799 6.53 24.34 2.66
C ILE C 799 5.94 23.92 1.33
N GLU C 800 6.74 23.21 0.53
CA GLU C 800 6.34 22.75 -0.81
C GLU C 800 6.58 21.25 -1.03
N SER C 801 7.64 20.73 -0.44
CA SER C 801 7.99 19.33 -0.57
C SER C 801 7.45 18.53 0.61
N PHE C 802 6.97 17.33 0.32
CA PHE C 802 6.39 16.43 1.33
C PHE C 802 6.47 14.96 0.94
N ALA C 803 7.34 14.22 1.63
CA ALA C 803 7.51 12.80 1.38
C ALA C 803 6.69 11.99 2.38
N LEU C 804 5.39 12.29 2.45
CA LEU C 804 4.49 11.59 3.38
C LEU C 804 4.00 10.19 2.95
N ILE C 805 4.00 9.30 3.96
CA ILE C 805 3.65 7.90 3.88
C ILE C 805 2.61 7.56 4.97
N HIS C 806 1.46 8.23 4.95
CA HIS C 806 0.37 8.01 5.91
C HIS C 806 0.69 8.51 7.32
N ASP C 807 1.95 8.40 7.72
CA ASP C 807 2.40 8.82 9.04
C ASP C 807 3.88 9.16 9.02
N SER C 808 4.47 9.12 7.83
CA SER C 808 5.87 9.40 7.70
C SER C 808 5.99 10.60 6.80
N PHE C 809 5.63 11.76 7.36
CA PHE C 809 5.72 12.98 6.59
C PHE C 809 7.13 13.46 6.64
N GLY C 810 7.69 13.70 5.46
CA GLY C 810 9.06 14.17 5.35
C GLY C 810 9.24 15.35 4.41
N THR C 811 10.42 15.99 4.53
CA THR C 811 10.77 17.14 3.70
C THR C 811 12.27 17.36 3.61
N ILE C 812 12.67 18.38 2.86
CA ILE C 812 14.08 18.71 2.69
C ILE C 812 14.71 18.96 4.05
N PRO C 813 16.05 18.81 4.16
CA PRO C 813 16.78 19.01 5.42
C PRO C 813 16.54 20.38 6.07
N ALA C 814 16.23 21.38 5.25
CA ALA C 814 16.00 22.73 5.74
C ALA C 814 14.57 22.97 6.21
N ASP C 815 13.64 22.21 5.66
CA ASP C 815 12.26 22.38 6.06
C ASP C 815 11.98 21.38 7.19
N ALA C 816 12.99 20.60 7.56
CA ALA C 816 12.83 19.62 8.62
C ALA C 816 12.21 20.29 9.83
N ALA C 817 12.99 21.17 10.45
CA ALA C 817 12.57 21.92 11.63
C ALA C 817 11.12 22.37 11.59
N ASN C 818 10.74 23.18 10.59
CA ASN C 818 9.35 23.63 10.55
C ASN C 818 8.39 22.44 10.57
N LEU C 819 8.72 21.38 9.83
CA LEU C 819 7.88 20.21 9.80
C LEU C 819 7.84 19.55 11.17
N PHE C 820 9.00 19.09 11.63
CA PHE C 820 9.16 18.44 12.93
C PHE C 820 8.24 19.08 13.96
N LYS C 821 8.00 20.37 13.80
CA LYS C 821 7.16 21.12 14.71
C LYS C 821 5.69 21.17 14.29
N ALA C 822 5.49 21.53 13.04
CA ALA C 822 4.16 21.68 12.46
C ALA C 822 3.21 20.50 12.70
N VAL C 823 3.77 19.29 12.71
CA VAL C 823 3.00 18.07 12.93
C VAL C 823 2.27 18.14 14.26
N ARG C 824 3.05 18.47 15.27
CA ARG C 824 2.55 18.61 16.61
C ARG C 824 1.43 19.65 16.55
N GLU C 825 1.79 20.86 16.15
CA GLU C 825 0.88 22.00 16.04
C GLU C 825 -0.51 21.68 15.50
N THR C 826 -0.60 20.62 14.72
CA THR C 826 -1.85 20.20 14.13
C THR C 826 -2.45 19.13 15.00
N MET C 827 -1.67 18.09 15.27
CA MET C 827 -2.11 16.98 16.10
C MET C 827 -2.81 17.59 17.30
N VAL C 828 -2.17 18.58 17.88
CA VAL C 828 -2.71 19.25 19.03
C VAL C 828 -3.93 20.08 18.65
N ASP C 829 -3.67 21.24 18.06
CA ASP C 829 -4.71 22.16 17.63
C ASP C 829 -5.98 21.44 17.19
N THR C 830 -5.81 20.30 16.51
CA THR C 830 -6.95 19.53 16.00
C THR C 830 -7.75 18.84 17.10
N TYR C 831 -7.10 17.92 17.84
CA TYR C 831 -7.75 17.19 18.93
C TYR C 831 -8.10 18.11 20.10
N GLU C 832 -7.97 19.40 19.85
CA GLU C 832 -8.26 20.43 20.85
C GLU C 832 -9.66 20.99 20.64
N SER C 833 -9.81 21.77 19.58
CA SER C 833 -11.07 22.39 19.24
C SER C 833 -12.07 21.35 18.75
N CYS C 834 -11.58 20.15 18.46
CA CYS C 834 -12.42 19.05 17.97
C CYS C 834 -12.53 17.86 18.92
N ASP C 835 -13.69 17.20 18.86
CA ASP C 835 -13.99 16.06 19.71
C ASP C 835 -14.47 14.86 18.89
N VAL C 836 -13.54 14.13 18.30
CA VAL C 836 -13.86 12.97 17.48
C VAL C 836 -15.01 12.15 18.07
N LEU C 837 -14.75 11.46 19.19
CA LEU C 837 -15.76 10.65 19.85
C LEU C 837 -17.12 11.35 19.93
N ALA C 838 -17.15 12.49 20.59
CA ALA C 838 -18.38 13.25 20.74
C ALA C 838 -19.02 13.56 19.41
N ASP C 839 -18.31 14.33 18.58
CA ASP C 839 -18.76 14.74 17.25
C ASP C 839 -19.39 13.58 16.48
N PHE C 840 -18.73 12.43 16.52
CA PHE C 840 -19.22 11.23 15.87
C PHE C 840 -20.64 11.00 16.31
N TYR C 841 -20.85 11.05 17.62
CA TYR C 841 -22.17 10.83 18.18
C TYR C 841 -23.19 11.74 17.50
N ASP C 842 -22.96 13.04 17.63
CA ASP C 842 -23.84 14.06 17.05
C ASP C 842 -24.10 13.76 15.58
N GLN C 843 -23.21 12.98 14.97
CA GLN C 843 -23.36 12.63 13.57
C GLN C 843 -24.43 11.58 13.34
N PHE C 844 -25.15 11.21 14.38
CA PHE C 844 -26.18 10.20 14.20
C PHE C 844 -27.23 10.18 15.30
N ALA C 845 -26.93 10.85 16.39
CA ALA C 845 -27.85 10.91 17.51
C ALA C 845 -29.31 10.86 17.05
N ASP C 846 -29.64 11.71 16.09
CA ASP C 846 -31.00 11.78 15.56
C ASP C 846 -31.02 11.25 14.14
N GLN C 847 -29.93 11.50 13.43
CA GLN C 847 -29.81 11.06 12.04
C GLN C 847 -29.95 9.55 12.00
N LEU C 848 -29.32 8.88 12.96
CA LEU C 848 -29.40 7.43 12.99
C LEU C 848 -30.50 6.96 13.93
N HIS C 849 -30.10 6.24 14.97
CA HIS C 849 -31.04 5.71 15.94
C HIS C 849 -32.07 6.71 16.36
N GLU C 850 -33.26 6.18 16.62
CA GLU C 850 -34.41 6.96 17.03
C GLU C 850 -34.70 6.74 18.52
N SER C 851 -35.44 5.68 18.81
CA SER C 851 -35.81 5.34 20.17
C SER C 851 -34.64 4.63 20.82
N GLN C 852 -34.91 3.99 21.95
CA GLN C 852 -33.87 3.26 22.65
C GLN C 852 -32.74 4.20 23.06
N LEU C 853 -31.72 4.25 22.20
CA LEU C 853 -30.54 5.08 22.45
C LEU C 853 -29.74 4.47 23.61
N ASP C 854 -30.45 4.22 24.71
CA ASP C 854 -29.84 3.64 25.90
C ASP C 854 -29.13 2.32 25.65
N LYS C 855 -28.55 1.78 26.72
CA LYS C 855 -27.81 0.52 26.66
C LYS C 855 -26.81 0.57 25.52
N MET C 856 -26.01 1.64 25.51
CA MET C 856 -25.02 1.87 24.47
C MET C 856 -24.08 3.04 24.74
N PRO C 857 -24.62 4.14 25.30
CA PRO C 857 -23.78 5.30 25.58
C PRO C 857 -22.52 4.98 26.34
N ALA C 858 -22.48 5.39 27.59
CA ALA C 858 -21.33 5.13 28.42
C ALA C 858 -20.08 5.73 27.79
N LEU C 859 -20.07 7.05 27.70
CA LEU C 859 -18.96 7.80 27.13
C LEU C 859 -17.65 7.37 27.82
N PRO C 860 -16.54 7.34 27.07
CA PRO C 860 -15.24 6.97 27.62
C PRO C 860 -14.66 8.09 28.50
N ALA C 861 -14.20 7.74 29.71
CA ALA C 861 -13.64 8.72 30.63
C ALA C 861 -12.42 9.39 30.04
N LYS C 862 -12.25 10.67 30.35
CA LYS C 862 -11.12 11.45 29.85
C LYS C 862 -9.98 11.45 30.86
N GLY C 863 -8.79 11.77 30.38
CA GLY C 863 -7.64 11.80 31.25
C GLY C 863 -7.04 13.19 31.40
N ASN C 864 -6.08 13.31 32.31
CA ASN C 864 -5.40 14.58 32.56
C ASN C 864 -4.00 14.63 31.99
N LEU C 865 -3.93 15.26 30.82
CA LEU C 865 -2.66 15.43 30.15
C LEU C 865 -2.91 16.46 29.07
N ASN C 866 -2.52 17.71 29.32
CA ASN C 866 -2.72 18.80 28.36
C ASN C 866 -1.93 18.47 27.08
N LEU C 867 -2.61 18.63 25.95
CA LEU C 867 -2.05 18.36 24.63
C LEU C 867 -0.83 19.25 24.34
N ARG C 868 -0.77 20.42 24.96
CA ARG C 868 0.36 21.34 24.75
C ARG C 868 1.67 20.65 25.13
N ASP C 869 1.56 19.56 25.89
CA ASP C 869 2.72 18.79 26.34
C ASP C 869 3.26 18.02 25.12
N ILE C 870 2.54 18.12 24.01
CA ILE C 870 2.90 17.45 22.76
C ILE C 870 3.83 18.33 21.91
N LEU C 871 3.51 19.62 21.85
CA LEU C 871 4.29 20.61 21.11
C LEU C 871 5.75 20.49 21.47
N GLU C 872 6.02 19.87 22.61
CA GLU C 872 7.38 19.71 23.06
C GLU C 872 7.83 18.25 23.07
N SER C 873 6.92 17.34 22.75
CA SER C 873 7.23 15.91 22.73
C SER C 873 8.36 15.65 21.74
N ASP C 874 9.56 15.51 22.27
CA ASP C 874 10.73 15.26 21.45
C ASP C 874 10.53 14.07 20.51
N PHE C 875 10.20 12.91 21.06
CA PHE C 875 9.99 11.73 20.22
C PHE C 875 8.55 11.61 19.77
N ALA C 876 8.18 10.45 19.26
CA ALA C 876 6.80 10.24 18.80
C ALA C 876 6.44 11.33 17.82
N PHE C 877 7.34 11.58 16.89
CA PHE C 877 7.15 12.60 15.88
C PHE C 877 5.70 12.65 15.41
N ALA C 878 5.27 11.62 14.69
CA ALA C 878 3.91 11.55 14.17
C ALA C 878 2.88 12.28 15.03
#